data_4NPY
#
_entry.id   4NPY
#
_cell.length_a   53.720
_cell.length_b   54.900
_cell.length_c   320.730
_cell.angle_alpha   90.00
_cell.angle_beta   90.00
_cell.angle_gamma   90.00
#
_symmetry.space_group_name_H-M   'P 21 21 21'
#
loop_
_entity.id
_entity.type
_entity.pdbx_description
1 polymer 'germline PGT121 light chain'
2 polymer 'germline PGT121 heavy chain'
3 non-polymer GLYCEROL
4 water water
#
loop_
_entity_poly.entity_id
_entity_poly.type
_entity_poly.pdbx_seq_one_letter_code
_entity_poly.pdbx_strand_id
1 'polypeptide(L)'
;SYVLTQPPSVSVAPGQTARITCGGNNIGSKSVHWYQQKPGQAPVLVVYDDSDRPSGIPERFSGSNSGNTATLTISRVEAG
DEADYYCQVWDSRGPTNWVFGGGTKLTVLGQPKAAPSVTLFPPSSEELQANKATLVCLISDFYPGAVTVAWKADSSPVKA
GVETTTPSKQSNNKYAASSYLSLTPEQWKSHKSYSCQVTHEGSTVEKTVAPTECS
;
L,A
2 'polypeptide(L)'
;(PCA)VQLQESGPGLVKPSETLSLTCTVSGGSISSYYWSWIRQPPGKGLEWIGYIYYSGSTNYNPSLKSRVTISVDTSKN
QFSLKLSSVTAADTAVYYCARTLHGRRIYGIVAFKEWFTYYYMDVWGKGTTVTVSSASTKGPSVFPLAPSSKSTSGGTAA
LGCLVKDYFPEPVTVSWNSGALTSGVHTFPAVLQSSGLYSLSSVVTVPSSSLGTQTYICNVNHKPSNTKVDKRVEPKSC
;
H,B
#
loop_
_chem_comp.id
_chem_comp.type
_chem_comp.name
_chem_comp.formula
GOL non-polymer GLYCEROL 'C3 H8 O3'
#
# COMPACT_ATOMS: atom_id res chain seq x y z
N SER A 1 22.32 15.51 -30.78
CA SER A 1 21.22 15.61 -31.74
C SER A 1 20.56 16.99 -31.69
N TYR A 2 19.56 17.21 -32.54
CA TYR A 2 18.84 18.48 -32.53
C TYR A 2 18.13 18.64 -31.20
N VAL A 3 18.28 19.80 -30.57
CA VAL A 3 17.73 20.01 -29.23
C VAL A 3 16.49 20.90 -29.21
N LEU A 4 15.39 20.37 -28.69
CA LEU A 4 14.16 21.12 -28.49
C LEU A 4 14.02 21.52 -27.02
N THR A 5 13.79 22.82 -26.77
CA THR A 5 13.72 23.34 -25.41
C THR A 5 12.35 23.93 -25.03
N GLN A 6 11.67 23.27 -24.08
CA GLN A 6 10.37 23.73 -23.58
C GLN A 6 10.45 24.08 -22.12
N PRO A 7 9.69 25.09 -21.68
CA PRO A 7 9.56 25.39 -20.25
C PRO A 7 8.96 24.17 -19.55
N PRO A 8 9.44 23.85 -18.34
CA PRO A 8 8.85 22.74 -17.60
C PRO A 8 7.38 23.02 -17.25
N SER A 9 7.04 24.29 -17.03
CA SER A 9 5.67 24.63 -16.62
C SER A 9 5.21 26.03 -17.04
N VAL A 10 3.92 26.17 -17.31
CA VAL A 10 3.31 27.45 -17.62
C VAL A 10 2.01 27.56 -16.82
N SER A 11 1.80 28.71 -16.17
CA SER A 11 0.62 28.88 -15.31
C SER A 11 -0.23 30.03 -15.82
N VAL A 12 -1.55 29.85 -15.78
CA VAL A 12 -2.45 30.87 -16.29
C VAL A 12 -3.81 30.80 -15.59
N ALA A 13 -4.54 31.91 -15.56
CA ALA A 13 -5.88 31.91 -14.97
C ALA A 13 -6.91 31.63 -16.06
N PRO A 14 -8.11 31.12 -15.70
CA PRO A 14 -9.10 30.79 -16.73
C PRO A 14 -9.46 32.01 -17.57
N GLY A 15 -9.64 31.82 -18.87
CA GLY A 15 -9.99 32.91 -19.75
C GLY A 15 -8.80 33.70 -20.27
N GLN A 16 -7.64 33.51 -19.64
CA GLN A 16 -6.42 34.17 -20.11
C GLN A 16 -5.84 33.40 -21.29
N THR A 17 -4.83 33.98 -21.94
CA THR A 17 -4.14 33.30 -23.02
C THR A 17 -2.86 32.62 -22.51
N ALA A 18 -2.68 31.35 -22.84
CA ALA A 18 -1.46 30.65 -22.46
C ALA A 18 -0.55 30.51 -23.68
N ARG A 19 0.75 30.69 -23.48
CA ARG A 19 1.71 30.54 -24.55
C ARG A 19 2.77 29.54 -24.12
N ILE A 20 2.98 28.53 -24.97
CA ILE A 20 3.94 27.47 -24.69
C ILE A 20 4.96 27.44 -25.82
N THR A 21 6.23 27.68 -25.47
CA THR A 21 7.28 27.86 -26.46
C THR A 21 8.13 26.61 -26.62
N CYS A 22 8.79 26.53 -27.77
CA CYS A 22 9.64 25.40 -28.13
C CYS A 22 10.83 25.96 -28.87
N GLY A 23 12.02 25.95 -28.24
CA GLY A 23 13.25 26.41 -28.90
C GLY A 23 14.14 25.25 -29.30
N GLY A 24 14.91 25.40 -30.38
CA GLY A 24 14.93 26.63 -31.14
C GLY A 24 15.88 26.77 -32.31
N ASN A 25 17.07 26.18 -32.23
CA ASN A 25 18.14 26.48 -33.21
C ASN A 25 17.68 26.48 -34.67
N ASN A 26 17.33 27.68 -35.14
CA ASN A 26 16.68 27.86 -36.44
C ASN A 26 15.54 26.85 -36.66
N ILE A 27 14.69 26.73 -35.66
CA ILE A 27 13.55 25.82 -35.69
C ILE A 27 12.55 26.30 -36.75
N GLY A 28 12.62 27.60 -37.05
CA GLY A 28 11.72 28.20 -38.03
C GLY A 28 11.83 27.61 -39.42
N SER A 29 12.94 26.93 -39.70
CA SER A 29 13.17 26.33 -41.00
C SER A 29 12.74 24.85 -40.97
N LYS A 30 12.25 24.41 -39.82
CA LYS A 30 11.77 23.04 -39.69
C LYS A 30 10.25 23.02 -39.59
N SER A 31 9.68 21.83 -39.54
CA SER A 31 8.25 21.65 -39.40
C SER A 31 7.98 21.19 -37.97
N VAL A 32 7.20 21.97 -37.23
CA VAL A 32 6.94 21.67 -35.81
C VAL A 32 5.53 21.10 -35.55
N HIS A 33 5.47 20.07 -34.73
CA HIS A 33 4.20 19.42 -34.41
C HIS A 33 3.99 19.46 -32.90
N TRP A 34 2.72 19.47 -32.47
CA TRP A 34 2.42 19.53 -31.04
C TRP A 34 1.44 18.45 -30.59
N TYR A 35 1.68 17.93 -29.40
CA TYR A 35 0.82 16.89 -28.83
C TYR A 35 0.38 17.33 -27.45
N GLN A 36 -0.87 17.00 -27.12
CA GLN A 36 -1.40 17.27 -25.78
C GLN A 36 -1.56 15.91 -25.11
N GLN A 37 -1.14 15.80 -23.85
CA GLN A 37 -1.43 14.60 -23.08
C GLN A 37 -2.08 15.00 -21.79
N LYS A 38 -3.37 14.69 -21.66
CA LYS A 38 -4.10 14.97 -20.43
C LYS A 38 -3.77 13.88 -19.42
N PRO A 39 -3.93 14.20 -18.12
CA PRO A 39 -3.60 13.24 -17.06
C PRO A 39 -4.36 11.92 -17.21
N GLY A 40 -3.63 10.81 -17.21
CA GLY A 40 -4.20 9.48 -17.37
C GLY A 40 -4.65 9.11 -18.78
N GLN A 41 -4.19 9.86 -19.78
CA GLN A 41 -4.67 9.64 -21.15
C GLN A 41 -3.56 9.49 -22.20
N ALA A 42 -3.92 8.94 -23.36
CA ALA A 42 -3.02 8.87 -24.50
C ALA A 42 -2.82 10.26 -25.07
N PRO A 43 -1.63 10.52 -25.66
CA PRO A 43 -1.38 11.80 -26.33
C PRO A 43 -2.32 12.03 -27.49
N VAL A 44 -2.51 13.29 -27.86
CA VAL A 44 -3.36 13.65 -28.99
C VAL A 44 -2.62 14.73 -29.77
N LEU A 45 -2.63 14.61 -31.09
CA LEU A 45 -2.05 15.62 -31.95
C LEU A 45 -2.91 16.88 -31.90
N VAL A 46 -2.32 18.04 -31.63
CA VAL A 46 -3.13 19.26 -31.57
C VAL A 46 -2.71 20.31 -32.62
N VAL A 47 -1.48 20.19 -33.12
CA VAL A 47 -1.00 21.01 -34.23
C VAL A 47 -0.04 20.21 -35.11
N TYR A 48 -0.10 20.35 -36.43
CA TYR A 48 0.97 19.79 -37.27
C TYR A 48 1.47 20.76 -38.34
N ASP A 49 2.74 20.59 -38.73
CA ASP A 49 3.40 21.45 -39.70
C ASP A 49 3.19 22.91 -39.35
N ASP A 50 3.63 23.25 -38.14
CA ASP A 50 3.62 24.62 -37.59
C ASP A 50 2.25 25.12 -37.13
N SER A 51 1.25 25.06 -37.99
CA SER A 51 -0.02 25.77 -37.76
C SER A 51 -1.28 24.99 -38.16
N ASP A 52 -1.12 23.78 -38.72
CA ASP A 52 -2.30 23.03 -39.20
C ASP A 52 -3.08 22.41 -38.06
N ARG A 53 -4.39 22.61 -38.09
CA ARG A 53 -5.29 22.11 -37.06
C ARG A 53 -5.85 20.76 -37.48
N PRO A 54 -5.65 19.74 -36.64
CA PRO A 54 -6.29 18.45 -36.94
C PRO A 54 -7.79 18.53 -36.70
N SER A 55 -8.57 17.71 -37.41
CA SER A 55 -10.02 17.64 -37.19
C SER A 55 -10.35 17.40 -35.71
N GLY A 56 -11.33 18.14 -35.19
CA GLY A 56 -11.79 17.92 -33.83
C GLY A 56 -11.07 18.73 -32.76
N ILE A 57 -10.01 19.43 -33.15
CA ILE A 57 -9.24 20.20 -32.17
C ILE A 57 -9.87 21.59 -31.98
N PRO A 58 -10.05 22.02 -30.72
CA PRO A 58 -10.75 23.28 -30.42
C PRO A 58 -10.13 24.47 -31.11
N GLU A 59 -10.96 25.44 -31.48
CA GLU A 59 -10.51 26.62 -32.21
C GLU A 59 -9.50 27.44 -31.42
N ARG A 60 -9.51 27.30 -30.10
CA ARG A 60 -8.68 28.11 -29.21
C ARG A 60 -7.19 27.78 -29.32
N PHE A 61 -6.87 26.61 -29.89
CA PHE A 61 -5.48 26.21 -30.07
C PHE A 61 -4.90 26.74 -31.37
N SER A 62 -3.70 27.33 -31.31
CA SER A 62 -3.09 27.93 -32.49
C SER A 62 -1.58 27.72 -32.47
N GLY A 63 -1.02 27.11 -33.52
CA GLY A 63 0.42 26.94 -33.62
C GLY A 63 1.07 27.98 -34.51
N SER A 64 2.29 28.40 -34.17
CA SER A 64 3.06 29.30 -35.02
C SER A 64 4.54 28.92 -34.94
N ASN A 65 5.31 29.28 -35.95
CA ASN A 65 6.74 28.96 -35.93
C ASN A 65 7.56 30.04 -36.63
N SER A 66 8.60 30.51 -35.97
CA SER A 66 9.41 31.61 -36.52
C SER A 66 10.77 31.71 -35.84
N GLY A 67 11.81 31.93 -36.63
CA GLY A 67 13.15 32.12 -36.09
C GLY A 67 13.62 30.98 -35.21
N ASN A 68 13.82 31.26 -33.93
CA ASN A 68 14.30 30.23 -33.02
C ASN A 68 13.22 29.79 -32.04
N THR A 69 11.97 30.06 -32.37
CA THR A 69 10.90 29.73 -31.45
C THR A 69 9.61 29.33 -32.14
N ALA A 70 9.13 28.13 -31.79
CA ALA A 70 7.78 27.71 -32.13
C ALA A 70 6.92 27.93 -30.90
N THR A 71 5.67 28.35 -31.11
CA THR A 71 4.76 28.61 -30.00
C THR A 71 3.41 27.93 -30.21
N LEU A 72 2.90 27.29 -29.16
CA LEU A 72 1.50 26.86 -29.14
C LEU A 72 0.70 27.87 -28.29
N THR A 73 -0.27 28.53 -28.91
CA THR A 73 -1.05 29.56 -28.22
C THR A 73 -2.44 29.04 -27.92
N ILE A 74 -2.81 29.04 -26.64
CA ILE A 74 -4.13 28.61 -26.24
C ILE A 74 -4.92 29.80 -25.72
N SER A 75 -5.93 30.23 -26.48
CA SER A 75 -6.70 31.40 -26.06
C SER A 75 -7.84 30.94 -25.15
N ARG A 76 -8.37 31.87 -24.35
CA ARG A 76 -9.49 31.58 -23.45
C ARG A 76 -9.34 30.25 -22.75
N VAL A 77 -8.25 30.12 -22.00
CA VAL A 77 -7.88 28.85 -21.39
C VAL A 77 -8.98 28.36 -20.44
N GLU A 78 -9.24 27.06 -20.46
CA GLU A 78 -10.23 26.42 -19.57
C GLU A 78 -9.53 25.43 -18.66
N ALA A 79 -10.20 25.00 -17.59
CA ALA A 79 -9.62 23.97 -16.71
C ALA A 79 -9.30 22.69 -17.47
N GLY A 80 -10.10 22.38 -18.49
CA GLY A 80 -9.88 21.16 -19.25
C GLY A 80 -8.60 21.16 -20.10
N ASP A 81 -8.00 22.33 -20.26
CA ASP A 81 -6.77 22.45 -21.05
C ASP A 81 -5.52 22.02 -20.27
N GLU A 82 -5.67 21.81 -18.96
CA GLU A 82 -4.56 21.30 -18.14
C GLU A 82 -4.06 19.98 -18.68
N ALA A 83 -2.76 19.90 -18.91
CA ALA A 83 -2.19 18.75 -19.63
C ALA A 83 -0.68 18.96 -19.78
N ASP A 84 -0.01 17.94 -20.28
CA ASP A 84 1.38 18.10 -20.70
C ASP A 84 1.38 18.35 -22.19
N TYR A 85 2.15 19.35 -22.62
CA TYR A 85 2.25 19.67 -24.04
C TYR A 85 3.67 19.44 -24.56
N TYR A 86 3.78 18.69 -25.65
CA TYR A 86 5.07 18.33 -26.24
C TYR A 86 5.19 18.88 -27.64
N CYS A 87 6.31 19.53 -27.97
CA CYS A 87 6.60 19.85 -29.36
C CYS A 87 7.48 18.74 -29.94
N GLN A 88 7.52 18.64 -31.27
CA GLN A 88 8.22 17.55 -31.93
C GLN A 88 8.61 17.99 -33.32
N VAL A 89 9.81 17.61 -33.76
CA VAL A 89 10.19 17.86 -35.15
C VAL A 89 10.84 16.61 -35.71
N TRP A 90 10.90 16.53 -37.03
CA TRP A 90 11.64 15.45 -37.64
C TRP A 90 12.93 16.01 -38.23
N ASP A 91 14.06 15.48 -37.77
CA ASP A 91 15.37 15.93 -38.22
C ASP A 91 15.98 14.92 -39.19
N SER A 92 16.16 15.33 -40.44
CA SER A 92 16.69 14.44 -41.48
C SER A 92 18.15 14.06 -41.22
N ARG A 93 18.90 14.99 -40.65
CA ARG A 93 20.34 14.82 -40.49
C ARG A 93 20.70 13.68 -39.58
N GLY A 94 20.00 13.56 -38.46
CA GLY A 94 20.31 12.54 -37.48
C GLY A 94 21.36 13.04 -36.51
N PRO A 95 21.78 12.16 -35.57
CA PRO A 95 21.40 10.74 -35.51
C PRO A 95 19.98 10.50 -34.97
N THR A 96 19.53 11.31 -34.02
CA THR A 96 18.14 11.21 -33.53
C THR A 96 17.19 11.97 -34.46
N ASN A 97 16.56 11.26 -35.37
CA ASN A 97 15.63 11.88 -36.32
C ASN A 97 14.33 12.36 -35.69
N TRP A 98 13.82 11.60 -34.72
CA TRP A 98 12.57 11.93 -34.06
C TRP A 98 12.84 12.58 -32.73
N VAL A 99 12.74 13.90 -32.70
CA VAL A 99 13.02 14.65 -31.48
C VAL A 99 11.72 15.15 -30.84
N PHE A 100 11.51 14.79 -29.58
CA PHE A 100 10.43 15.36 -28.75
C PHE A 100 11.02 16.41 -27.80
N GLY A 101 10.28 17.48 -27.55
CA GLY A 101 10.66 18.40 -26.49
C GLY A 101 10.39 17.71 -25.16
N GLY A 102 10.91 18.26 -24.07
CA GLY A 102 10.73 17.67 -22.75
C GLY A 102 9.33 17.79 -22.19
N GLY A 103 8.52 18.64 -22.79
CA GLY A 103 7.13 18.79 -22.35
C GLY A 103 6.93 19.94 -21.39
N THR A 104 5.75 20.55 -21.46
CA THR A 104 5.40 21.67 -20.59
C THR A 104 4.11 21.33 -19.87
N LYS A 105 4.09 21.46 -18.55
CA LYS A 105 2.85 21.25 -17.81
C LYS A 105 2.08 22.56 -17.79
N LEU A 106 0.88 22.57 -18.37
CA LEU A 106 0.03 23.74 -18.24
C LEU A 106 -0.86 23.62 -16.99
N THR A 107 -0.73 24.60 -16.10
CA THR A 107 -1.55 24.64 -14.89
C THR A 107 -2.52 25.81 -14.98
N VAL A 108 -3.78 25.55 -14.62
CA VAL A 108 -4.79 26.58 -14.62
C VAL A 108 -5.08 27.03 -13.19
N LEU A 109 -4.72 28.27 -12.88
CA LEU A 109 -4.86 28.85 -11.54
C LEU A 109 -6.29 29.24 -11.22
N GLY A 110 -6.67 29.14 -9.95
CA GLY A 110 -7.93 29.71 -9.48
C GLY A 110 -9.19 29.06 -10.02
N GLN A 111 -9.17 27.74 -10.11
CA GLN A 111 -10.37 26.99 -10.46
C GLN A 111 -11.32 26.95 -9.25
N PRO A 112 -12.63 26.84 -9.52
CA PRO A 112 -13.61 26.87 -8.43
C PRO A 112 -13.42 25.72 -7.47
N LYS A 113 -13.71 25.97 -6.19
CA LYS A 113 -13.68 24.91 -5.18
C LYS A 113 -14.90 24.02 -5.35
N ALA A 114 -14.75 22.77 -4.93
CA ALA A 114 -15.84 21.80 -4.96
C ALA A 114 -15.64 20.84 -3.80
N ALA A 115 -16.66 20.72 -2.95
CA ALA A 115 -16.63 19.79 -1.83
C ALA A 115 -16.78 18.37 -2.37
N PRO A 116 -16.22 17.38 -1.65
CA PRO A 116 -16.28 16.02 -2.20
C PRO A 116 -17.65 15.38 -2.05
N SER A 117 -18.02 14.57 -3.04
CA SER A 117 -19.13 13.65 -2.90
C SER A 117 -18.53 12.34 -2.36
N VAL A 118 -19.14 11.78 -1.30
CA VAL A 118 -18.60 10.57 -0.66
C VAL A 118 -19.63 9.43 -0.66
N THR A 119 -19.28 8.27 -1.21
CA THR A 119 -20.16 7.10 -1.10
C THR A 119 -19.43 5.97 -0.37
N LEU A 120 -20.08 5.38 0.64
CA LEU A 120 -19.46 4.31 1.41
C LEU A 120 -20.24 3.00 1.26
N PHE A 121 -19.55 1.95 0.83
CA PHE A 121 -20.19 0.64 0.68
C PHE A 121 -19.76 -0.34 1.76
N PRO A 122 -20.72 -1.06 2.35
CA PRO A 122 -20.41 -2.09 3.33
C PRO A 122 -19.86 -3.33 2.62
N PRO A 123 -19.33 -4.31 3.37
CA PRO A 123 -18.90 -5.56 2.73
C PRO A 123 -20.09 -6.27 2.09
N SER A 124 -19.88 -6.90 0.94
CA SER A 124 -20.97 -7.66 0.31
C SER A 124 -21.20 -8.99 1.01
N SER A 125 -22.41 -9.53 0.85
CA SER A 125 -22.70 -10.83 1.45
C SER A 125 -21.78 -11.88 0.83
N GLU A 126 -21.49 -11.73 -0.46
CA GLU A 126 -20.54 -12.63 -1.10
C GLU A 126 -19.15 -12.61 -0.43
N GLU A 127 -18.61 -11.42 -0.16
CA GLU A 127 -17.29 -11.34 0.45
C GLU A 127 -17.32 -11.92 1.86
N LEU A 128 -18.39 -11.61 2.60
CA LEU A 128 -18.54 -12.16 3.96
C LEU A 128 -18.55 -13.68 3.91
N GLN A 129 -19.30 -14.22 2.94
CA GLN A 129 -19.39 -15.67 2.75
C GLN A 129 -18.04 -16.31 2.41
N ALA A 130 -17.11 -15.49 1.93
CA ALA A 130 -15.75 -15.98 1.66
C ALA A 130 -14.81 -15.63 2.81
N ASN A 131 -15.40 -15.29 3.96
CA ASN A 131 -14.63 -15.00 5.19
C ASN A 131 -13.72 -13.78 5.11
N LYS A 132 -14.12 -12.80 4.32
CA LYS A 132 -13.38 -11.54 4.22
C LYS A 132 -14.36 -10.38 4.38
N ALA A 133 -13.83 -9.17 4.50
CA ALA A 133 -14.68 -7.99 4.56
C ALA A 133 -13.89 -6.77 4.16
N THR A 134 -14.45 -5.98 3.25
CA THR A 134 -13.80 -4.74 2.84
C THR A 134 -14.82 -3.61 2.83
N LEU A 135 -14.49 -2.50 3.50
CA LEU A 135 -15.31 -1.30 3.38
C LEU A 135 -14.72 -0.44 2.27
N VAL A 136 -15.57 0.15 1.43
CA VAL A 136 -15.11 0.90 0.26
C VAL A 136 -15.62 2.33 0.31
N CYS A 137 -14.69 3.29 0.41
CA CYS A 137 -15.09 4.69 0.53
C CYS A 137 -14.65 5.39 -0.74
N LEU A 138 -15.62 5.86 -1.54
CA LEU A 138 -15.33 6.46 -2.84
C LEU A 138 -15.59 7.96 -2.78
N ILE A 139 -14.57 8.74 -3.17
CA ILE A 139 -14.61 10.19 -3.00
C ILE A 139 -14.39 10.86 -4.35
N SER A 140 -15.34 11.67 -4.79
CA SER A 140 -15.24 12.23 -6.14
C SER A 140 -15.63 13.69 -6.21
N ASP A 141 -15.43 14.28 -7.38
CA ASP A 141 -15.87 15.66 -7.66
C ASP A 141 -15.33 16.72 -6.72
N PHE A 142 -14.11 16.56 -6.21
CA PHE A 142 -13.58 17.59 -5.31
C PHE A 142 -12.45 18.42 -5.91
N TYR A 143 -12.31 19.64 -5.42
CA TYR A 143 -11.24 20.52 -5.86
C TYR A 143 -11.00 21.57 -4.79
N PRO A 144 -9.72 21.79 -4.41
CA PRO A 144 -8.52 21.17 -5.02
C PRO A 144 -8.31 19.71 -4.67
N GLY A 145 -7.28 19.11 -5.28
CA GLY A 145 -7.09 17.68 -5.19
C GLY A 145 -6.30 17.17 -3.99
N ALA A 146 -6.69 17.61 -2.80
CA ALA A 146 -6.07 17.14 -1.55
C ALA A 146 -7.17 16.82 -0.55
N VAL A 147 -7.16 15.60 -0.02
CA VAL A 147 -8.07 15.23 1.06
C VAL A 147 -7.33 14.38 2.07
N THR A 148 -7.90 14.24 3.26
CA THR A 148 -7.46 13.20 4.18
C THR A 148 -8.67 12.35 4.58
N VAL A 149 -8.42 11.06 4.79
CA VAL A 149 -9.49 10.13 5.13
C VAL A 149 -9.21 9.54 6.50
N ALA A 150 -10.20 9.57 7.38
CA ALA A 150 -10.09 8.90 8.67
C ALA A 150 -11.23 7.90 8.76
N TRP A 151 -10.95 6.73 9.32
CA TRP A 151 -11.97 5.71 9.54
C TRP A 151 -12.29 5.57 11.02
N LYS A 152 -13.55 5.23 11.32
CA LYS A 152 -13.97 4.97 12.69
C LYS A 152 -14.77 3.68 12.79
N ALA A 153 -14.52 2.92 13.86
CA ALA A 153 -15.33 1.75 14.18
C ALA A 153 -16.12 2.21 15.37
N ASP A 154 -17.44 2.26 15.23
CA ASP A 154 -18.29 3.00 16.16
C ASP A 154 -17.80 4.45 16.21
N SER A 155 -17.33 4.92 17.36
CA SER A 155 -16.75 6.26 17.42
C SER A 155 -15.23 6.27 17.66
N SER A 156 -14.60 5.09 17.52
CA SER A 156 -13.16 4.94 17.76
C SER A 156 -12.34 4.91 16.48
N PRO A 157 -11.27 5.72 16.41
CA PRO A 157 -10.40 5.73 15.24
C PRO A 157 -9.81 4.36 14.96
N VAL A 158 -9.69 4.00 13.69
CA VAL A 158 -9.04 2.76 13.30
C VAL A 158 -8.03 3.07 12.20
N LYS A 159 -6.80 2.60 12.35
CA LYS A 159 -5.75 2.91 11.39
C LYS A 159 -5.21 1.68 10.66
N ALA A 160 -5.38 0.52 11.28
CA ALA A 160 -4.90 -0.72 10.68
C ALA A 160 -5.87 -1.19 9.61
N GLY A 161 -5.33 -1.66 8.50
CA GLY A 161 -6.16 -2.26 7.45
C GLY A 161 -6.65 -1.21 6.47
N VAL A 162 -6.06 -0.02 6.55
CA VAL A 162 -6.47 1.12 5.70
C VAL A 162 -5.52 1.31 4.54
N GLU A 163 -6.08 1.40 3.33
CA GLU A 163 -5.32 1.72 2.12
C GLU A 163 -6.07 2.81 1.36
N THR A 164 -5.37 3.91 1.05
CA THR A 164 -6.00 5.10 0.46
C THR A 164 -5.19 5.56 -0.75
N THR A 165 -5.86 5.92 -1.84
CA THR A 165 -5.13 6.37 -3.03
C THR A 165 -4.81 7.86 -2.93
N THR A 166 -3.88 8.31 -3.76
CA THR A 166 -3.65 9.73 -3.94
C THR A 166 -4.65 10.22 -4.97
N PRO A 167 -5.11 11.48 -4.84
CA PRO A 167 -6.12 11.97 -5.78
C PRO A 167 -5.61 12.02 -7.21
N SER A 168 -6.51 11.82 -8.17
CA SER A 168 -6.18 11.93 -9.58
C SER A 168 -7.31 12.67 -10.27
N LYS A 169 -7.00 13.39 -11.35
CA LYS A 169 -8.01 14.19 -12.02
C LYS A 169 -9.05 13.34 -12.73
N GLN A 170 -10.31 13.78 -12.66
CA GLN A 170 -11.39 13.14 -13.38
C GLN A 170 -11.58 13.83 -14.73
N SER A 171 -12.49 13.30 -15.53
CA SER A 171 -12.79 13.87 -16.84
C SER A 171 -13.42 15.26 -16.73
N ASN A 172 -14.09 15.54 -15.61
CA ASN A 172 -14.75 16.84 -15.43
C ASN A 172 -13.87 17.86 -14.68
N ASN A 173 -12.57 17.60 -14.68
CA ASN A 173 -11.57 18.52 -14.12
C ASN A 173 -11.51 18.58 -12.60
N LYS A 174 -12.35 17.79 -11.93
CA LYS A 174 -12.21 17.62 -10.48
C LYS A 174 -11.48 16.32 -10.17
N TYR A 175 -11.33 16.02 -8.89
CA TYR A 175 -10.48 14.93 -8.46
C TYR A 175 -11.24 13.76 -7.79
N ALA A 176 -10.60 12.60 -7.78
CA ALA A 176 -11.18 11.42 -7.16
C ALA A 176 -10.14 10.70 -6.32
N ALA A 177 -10.60 10.01 -5.27
CA ALA A 177 -9.72 9.17 -4.49
C ALA A 177 -10.58 8.06 -3.90
N SER A 178 -9.95 7.00 -3.40
CA SER A 178 -10.72 5.96 -2.73
C SER A 178 -9.95 5.46 -1.53
N SER A 179 -10.66 4.97 -0.52
CA SER A 179 -10.02 4.39 0.65
C SER A 179 -10.70 3.08 0.97
N TYR A 180 -9.89 2.10 1.35
CA TYR A 180 -10.38 0.77 1.65
C TYR A 180 -10.02 0.40 3.07
N LEU A 181 -11.00 -0.13 3.81
CA LEU A 181 -10.75 -0.67 5.15
C LEU A 181 -10.96 -2.17 5.11
N SER A 182 -9.91 -2.92 5.41
CA SER A 182 -10.03 -4.38 5.53
C SER A 182 -10.33 -4.78 6.98
N LEU A 183 -11.38 -5.61 7.13
CA LEU A 183 -11.85 -6.08 8.45
C LEU A 183 -12.02 -7.60 8.42
N THR A 184 -12.16 -8.21 9.59
CA THR A 184 -12.65 -9.58 9.64
C THR A 184 -14.16 -9.51 9.70
N PRO A 185 -14.85 -10.56 9.24
CA PRO A 185 -16.31 -10.53 9.30
C PRO A 185 -16.79 -10.36 10.74
N GLU A 186 -16.02 -10.91 11.68
CA GLU A 186 -16.31 -10.81 13.11
C GLU A 186 -16.29 -9.36 13.60
N GLN A 187 -15.26 -8.61 13.18
CA GLN A 187 -15.16 -7.19 13.49
C GLN A 187 -16.30 -6.35 12.90
N TRP A 188 -16.65 -6.66 11.66
CA TRP A 188 -17.77 -6.01 10.99
C TRP A 188 -19.05 -6.25 11.79
N LYS A 189 -19.26 -7.50 12.20
CA LYS A 189 -20.49 -7.86 12.93
C LYS A 189 -20.52 -7.31 14.35
N SER A 190 -19.36 -7.03 14.92
CA SER A 190 -19.30 -6.71 16.36
C SER A 190 -19.55 -5.22 16.70
N HIS A 191 -19.39 -4.33 15.73
CA HIS A 191 -19.66 -2.91 15.96
C HIS A 191 -21.06 -2.51 15.48
N LYS A 192 -21.57 -1.41 16.02
CA LYS A 192 -22.87 -0.89 15.58
C LYS A 192 -22.75 -0.30 14.18
N SER A 193 -21.57 0.23 13.87
CA SER A 193 -21.35 0.87 12.57
C SER A 193 -19.88 1.17 12.32
N TYR A 194 -19.55 1.43 11.06
CA TYR A 194 -18.26 1.99 10.71
C TYR A 194 -18.50 3.26 9.90
N SER A 195 -17.56 4.20 9.99
CA SER A 195 -17.68 5.47 9.27
C SER A 195 -16.41 5.80 8.50
N CYS A 196 -16.62 6.41 7.33
CA CYS A 196 -15.53 6.99 6.55
C CYS A 196 -15.69 8.49 6.67
N GLN A 197 -14.64 9.16 7.14
CA GLN A 197 -14.69 10.60 7.35
C GLN A 197 -13.69 11.31 6.42
N VAL A 198 -14.18 12.17 5.55
CA VAL A 198 -13.32 12.79 4.54
C VAL A 198 -13.16 14.28 4.79
N THR A 199 -11.92 14.73 5.00
CA THR A 199 -11.67 16.15 5.24
C THR A 199 -11.13 16.82 3.99
N HIS A 200 -11.74 17.93 3.62
CA HIS A 200 -11.31 18.67 2.44
C HIS A 200 -11.42 20.14 2.78
N GLU A 201 -10.32 20.87 2.63
CA GLU A 201 -10.31 22.31 2.92
C GLU A 201 -10.92 22.65 4.28
N GLY A 202 -10.58 21.85 5.29
CA GLY A 202 -10.98 22.16 6.65
C GLY A 202 -12.39 21.76 7.03
N SER A 203 -13.16 21.25 6.08
CA SER A 203 -14.52 20.79 6.36
C SER A 203 -14.62 19.30 6.10
N THR A 204 -15.56 18.64 6.77
CA THR A 204 -15.56 17.18 6.79
C THR A 204 -16.90 16.60 6.35
N VAL A 205 -16.85 15.57 5.51
CA VAL A 205 -18.06 14.85 5.13
C VAL A 205 -17.91 13.42 5.63
N GLU A 206 -18.89 12.94 6.41
CA GLU A 206 -18.80 11.60 6.98
C GLU A 206 -19.98 10.70 6.58
N LYS A 207 -19.66 9.50 6.11
CA LYS A 207 -20.69 8.52 5.77
C LYS A 207 -20.55 7.30 6.66
N THR A 208 -21.68 6.72 7.04
CA THR A 208 -21.68 5.59 7.94
C THR A 208 -22.43 4.43 7.31
N VAL A 209 -21.97 3.21 7.56
CA VAL A 209 -22.75 2.02 7.22
C VAL A 209 -22.80 1.09 8.43
N ALA A 210 -23.79 0.20 8.42
CA ALA A 210 -24.01 -0.69 9.56
C ALA A 210 -24.43 -2.07 9.06
N PRO A 211 -24.09 -3.12 9.81
CA PRO A 211 -24.44 -4.50 9.43
C PRO A 211 -25.95 -4.66 9.17
N THR A 212 -26.28 -5.31 8.06
CA THR A 212 -27.65 -5.51 7.60
C THR A 212 -28.52 -4.25 7.70
N PCA B 1 -13.50 6.72 -38.96
CA PCA B 1 -12.96 6.38 -37.65
CB PCA B 1 -14.08 6.10 -36.66
CG PCA B 1 -15.38 6.46 -37.36
CD PCA B 1 -14.95 6.77 -38.76
OE PCA B 1 -15.74 7.02 -39.66
C PCA B 1 -11.95 5.25 -37.73
O PCA B 1 -12.28 4.09 -37.50
N VAL B 2 -10.70 5.58 -38.09
CA VAL B 2 -9.63 4.60 -37.94
C VAL B 2 -9.33 4.45 -36.46
N GLN B 3 -9.20 3.21 -36.02
CA GLN B 3 -8.95 2.88 -34.62
C GLN B 3 -7.70 2.04 -34.55
N LEU B 4 -6.92 2.26 -33.49
CA LEU B 4 -5.73 1.45 -33.24
C LEU B 4 -5.89 0.80 -31.88
N GLN B 5 -5.47 -0.45 -31.76
CA GLN B 5 -5.58 -1.16 -30.51
C GLN B 5 -4.34 -2.00 -30.23
N GLU B 6 -3.61 -1.64 -29.18
CA GLU B 6 -2.45 -2.39 -28.74
C GLU B 6 -2.91 -3.66 -28.06
N SER B 7 -2.17 -4.76 -28.26
CA SER B 7 -2.33 -5.92 -27.39
C SER B 7 -0.97 -6.41 -26.93
N GLY B 8 -0.83 -6.55 -25.61
CA GLY B 8 0.41 -7.02 -25.02
C GLY B 8 0.16 -7.93 -23.82
N PRO B 9 1.25 -8.44 -23.22
CA PRO B 9 1.20 -9.45 -22.16
C PRO B 9 0.95 -8.86 -20.78
N GLY B 10 1.16 -7.56 -20.64
CA GLY B 10 1.05 -6.90 -19.35
C GLY B 10 2.26 -7.17 -18.46
N LEU B 11 2.57 -8.46 -18.25
CA LEU B 11 3.71 -8.85 -17.43
C LEU B 11 4.78 -9.57 -18.25
N VAL B 12 6.01 -9.08 -18.17
CA VAL B 12 7.14 -9.76 -18.80
C VAL B 12 8.27 -9.87 -17.77
N LYS B 13 8.94 -11.02 -17.74
CA LYS B 13 10.04 -11.25 -16.79
C LYS B 13 11.32 -10.59 -17.29
N PRO B 14 12.19 -10.16 -16.37
CA PRO B 14 13.48 -9.57 -16.71
C PRO B 14 14.28 -10.51 -17.63
N SER B 15 14.96 -9.94 -18.62
CA SER B 15 15.79 -10.66 -19.61
C SER B 15 15.03 -11.27 -20.78
N GLU B 16 13.71 -11.35 -20.67
CA GLU B 16 12.93 -11.92 -21.75
C GLU B 16 12.59 -10.87 -22.80
N THR B 17 11.93 -11.30 -23.88
CA THR B 17 11.64 -10.40 -24.99
C THR B 17 10.20 -9.90 -24.89
N LEU B 18 10.02 -8.58 -24.94
CA LEU B 18 8.69 -7.98 -24.95
C LEU B 18 8.10 -8.03 -26.35
N SER B 19 6.86 -8.51 -26.48
CA SER B 19 6.20 -8.62 -27.80
C SER B 19 4.85 -7.92 -27.78
N LEU B 20 4.66 -6.96 -28.67
CA LEU B 20 3.38 -6.25 -28.76
C LEU B 20 2.84 -6.28 -30.19
N THR B 21 1.52 -6.12 -30.31
CA THR B 21 0.87 -6.02 -31.60
C THR B 21 -0.10 -4.86 -31.58
N CYS B 22 -0.24 -4.19 -32.72
CA CYS B 22 -1.25 -3.14 -32.88
C CYS B 22 -2.20 -3.55 -34.00
N THR B 23 -3.48 -3.60 -33.69
CA THR B 23 -4.48 -3.96 -34.68
C THR B 23 -5.23 -2.73 -35.14
N VAL B 24 -5.18 -2.46 -36.44
CA VAL B 24 -5.85 -1.32 -37.02
C VAL B 24 -7.23 -1.73 -37.53
N SER B 25 -8.24 -0.96 -37.16
CA SER B 25 -9.58 -1.15 -37.71
C SER B 25 -10.16 0.19 -38.17
N GLY B 26 -11.07 0.14 -39.14
CA GLY B 26 -11.69 1.34 -39.67
C GLY B 26 -10.81 2.04 -40.67
N GLY B 27 -9.79 1.33 -41.15
CA GLY B 27 -8.82 1.88 -42.07
C GLY B 27 -7.76 0.85 -42.37
N SER B 28 -6.88 1.17 -43.31
CA SER B 28 -5.90 0.20 -43.78
C SER B 28 -4.49 0.56 -43.34
N ILE B 29 -3.64 -0.46 -43.18
CA ILE B 29 -2.20 -0.24 -43.00
C ILE B 29 -1.62 0.43 -44.24
N SER B 30 -2.11 0.01 -45.40
CA SER B 30 -1.54 0.40 -46.69
C SER B 30 -1.43 1.90 -46.88
N SER B 31 -0.25 2.31 -47.37
CA SER B 31 0.09 3.69 -47.72
C SER B 31 0.50 4.56 -46.53
N TYR B 32 0.40 4.01 -45.32
CA TYR B 32 0.77 4.79 -44.14
C TYR B 32 2.02 4.29 -43.44
N TYR B 33 2.51 5.10 -42.50
CA TYR B 33 3.59 4.72 -41.61
C TYR B 33 2.95 4.41 -40.27
N TRP B 34 3.66 3.66 -39.45
CA TRP B 34 3.12 3.06 -38.24
C TRP B 34 4.21 3.03 -37.16
N SER B 35 4.03 3.83 -36.11
CA SER B 35 5.04 4.00 -35.06
C SER B 35 4.70 3.33 -33.73
N TRP B 36 5.74 2.97 -32.98
CA TRP B 36 5.63 2.62 -31.58
C TRP B 36 6.26 3.75 -30.74
N ILE B 37 5.64 4.03 -29.60
CA ILE B 37 6.09 5.09 -28.70
C ILE B 37 5.93 4.51 -27.30
N ARG B 38 6.79 4.90 -26.37
CA ARG B 38 6.62 4.47 -24.99
C ARG B 38 6.82 5.63 -24.04
N GLN B 39 6.32 5.47 -22.82
CA GLN B 39 6.43 6.47 -21.77
C GLN B 39 6.55 5.78 -20.43
N PRO B 40 7.78 5.68 -19.90
CA PRO B 40 8.01 5.18 -18.55
C PRO B 40 7.35 6.12 -17.56
N PRO B 41 6.96 5.61 -16.38
CA PRO B 41 6.32 6.39 -15.31
C PRO B 41 7.04 7.71 -15.03
N GLY B 42 6.29 8.82 -15.00
CA GLY B 42 6.87 10.12 -14.71
C GLY B 42 7.89 10.65 -15.70
N LYS B 43 7.90 10.09 -16.91
CA LYS B 43 8.80 10.58 -17.96
C LYS B 43 8.05 11.04 -19.21
N GLY B 44 8.79 11.63 -20.14
CA GLY B 44 8.21 12.16 -21.37
C GLY B 44 7.97 11.06 -22.38
N LEU B 45 7.66 11.46 -23.62
CA LEU B 45 7.39 10.50 -24.67
C LEU B 45 8.69 10.09 -25.37
N GLU B 46 8.86 8.79 -25.62
CA GLU B 46 10.03 8.29 -26.32
C GLU B 46 9.59 7.56 -27.58
N TRP B 47 9.93 8.11 -28.74
CA TRP B 47 9.57 7.48 -30.00
C TRP B 47 10.52 6.32 -30.24
N ILE B 48 9.98 5.12 -30.45
CA ILE B 48 10.83 3.95 -30.65
C ILE B 48 11.21 3.76 -32.12
N GLY B 49 10.24 3.80 -33.01
CA GLY B 49 10.51 3.59 -34.42
C GLY B 49 9.23 3.59 -35.22
N TYR B 50 9.34 3.53 -36.55
CA TYR B 50 8.18 3.35 -37.41
C TYR B 50 8.43 2.28 -38.46
N ILE B 51 7.36 1.91 -39.15
CA ILE B 51 7.48 1.04 -40.30
C ILE B 51 6.49 1.52 -41.36
N TYR B 52 6.95 1.54 -42.61
CA TYR B 52 6.10 1.83 -43.76
C TYR B 52 5.36 0.53 -44.12
N TYR B 53 4.17 0.64 -44.72
CA TYR B 53 3.41 -0.56 -45.06
C TYR B 53 4.22 -1.54 -45.91
N SER B 54 5.24 -1.03 -46.61
CA SER B 54 6.06 -1.86 -47.50
C SER B 54 7.12 -2.61 -46.72
N GLY B 55 7.34 -2.23 -45.47
CA GLY B 55 8.33 -2.92 -44.64
C GLY B 55 9.59 -2.13 -44.30
N SER B 56 9.79 -0.98 -44.96
CA SER B 56 10.95 -0.14 -44.66
C SER B 56 10.82 0.39 -43.23
N THR B 57 11.94 0.47 -42.52
CA THR B 57 11.90 0.85 -41.12
C THR B 57 12.78 2.04 -40.79
N ASN B 58 12.57 2.61 -39.62
CA ASN B 58 13.50 3.58 -39.07
C ASN B 58 13.35 3.54 -37.57
N TYR B 59 14.47 3.64 -36.85
CA TYR B 59 14.46 3.48 -35.41
C TYR B 59 15.19 4.62 -34.72
N ASN B 60 14.75 4.93 -33.51
CA ASN B 60 15.49 5.76 -32.57
C ASN B 60 16.79 5.02 -32.23
N PRO B 61 17.93 5.72 -32.29
CA PRO B 61 19.25 5.13 -32.01
C PRO B 61 19.36 4.51 -30.60
N SER B 62 18.63 5.02 -29.63
CA SER B 62 18.80 4.56 -28.24
C SER B 62 18.25 3.15 -27.97
N LEU B 63 17.34 2.68 -28.81
CA LEU B 63 16.75 1.35 -28.62
C LEU B 63 17.03 0.44 -29.80
N LYS B 64 17.61 1.03 -30.84
CA LYS B 64 17.82 0.36 -32.12
C LYS B 64 18.34 -1.07 -31.97
N SER B 65 19.37 -1.25 -31.15
CA SER B 65 20.05 -2.55 -31.05
C SER B 65 19.15 -3.67 -30.49
N ARG B 66 18.09 -3.30 -29.78
CA ARG B 66 17.24 -4.29 -29.11
C ARG B 66 15.85 -4.42 -29.70
N VAL B 67 15.52 -3.56 -30.66
CA VAL B 67 14.15 -3.52 -31.18
C VAL B 67 14.00 -3.97 -32.64
N THR B 68 12.85 -4.56 -32.92
CA THR B 68 12.46 -4.86 -34.29
C THR B 68 10.99 -4.57 -34.42
N ILE B 69 10.63 -3.85 -35.46
CA ILE B 69 9.24 -3.58 -35.76
C ILE B 69 8.95 -4.31 -37.04
N SER B 70 7.79 -4.95 -37.12
CA SER B 70 7.41 -5.64 -38.34
C SER B 70 5.97 -5.26 -38.69
N VAL B 71 5.56 -5.55 -39.93
CA VAL B 71 4.21 -5.23 -40.37
C VAL B 71 3.58 -6.43 -41.10
N ASP B 72 2.26 -6.59 -40.93
CA ASP B 72 1.51 -7.65 -41.60
C ASP B 72 0.28 -7.05 -42.27
N THR B 73 0.41 -6.69 -43.55
CA THR B 73 -0.69 -6.04 -44.25
C THR B 73 -1.88 -6.99 -44.42
N SER B 74 -1.61 -8.29 -44.49
CA SER B 74 -2.69 -9.29 -44.63
C SER B 74 -3.65 -9.32 -43.42
N LYS B 75 -3.17 -8.93 -42.24
CA LYS B 75 -3.99 -8.92 -41.03
C LYS B 75 -4.25 -7.51 -40.50
N ASN B 76 -3.82 -6.52 -41.28
CA ASN B 76 -3.89 -5.11 -40.86
C ASN B 76 -3.28 -4.86 -39.49
N GLN B 77 -2.10 -5.45 -39.26
CA GLN B 77 -1.44 -5.33 -37.97
C GLN B 77 0.01 -4.93 -38.15
N PHE B 78 0.61 -4.44 -37.07
CA PHE B 78 2.06 -4.29 -37.01
C PHE B 78 2.51 -4.54 -35.58
N SER B 79 3.78 -4.84 -35.41
CA SER B 79 4.21 -5.39 -34.12
C SER B 79 5.57 -4.85 -33.69
N LEU B 80 5.91 -5.10 -32.43
CA LEU B 80 7.18 -4.66 -31.88
C LEU B 80 7.77 -5.78 -31.04
N LYS B 81 9.08 -6.00 -31.19
CA LYS B 81 9.82 -6.90 -30.29
C LYS B 81 10.96 -6.12 -29.64
N LEU B 82 11.13 -6.30 -28.33
CA LEU B 82 12.18 -5.62 -27.58
C LEU B 82 12.93 -6.66 -26.77
N SER B 83 14.19 -6.92 -27.12
CA SER B 83 14.92 -8.01 -26.49
C SER B 83 15.48 -7.62 -25.13
N SER B 84 15.65 -8.62 -24.27
CA SER B 84 16.44 -8.47 -23.04
C SER B 84 15.94 -7.37 -22.12
N VAL B 85 14.65 -7.37 -21.80
CA VAL B 85 14.08 -6.27 -21.02
C VAL B 85 14.58 -6.23 -19.58
N THR B 86 14.53 -5.04 -19.00
CA THR B 86 14.77 -4.84 -17.58
C THR B 86 13.67 -3.91 -17.10
N ALA B 87 13.72 -3.52 -15.84
CA ALA B 87 12.70 -2.65 -15.26
C ALA B 87 12.70 -1.25 -15.90
N ALA B 88 13.81 -0.89 -16.55
CA ALA B 88 13.87 0.37 -17.27
C ALA B 88 12.92 0.38 -18.48
N ASP B 89 12.41 -0.79 -18.86
CA ASP B 89 11.51 -0.89 -20.00
C ASP B 89 10.05 -0.95 -19.55
N THR B 90 9.82 -0.88 -18.24
CA THR B 90 8.46 -0.79 -17.72
C THR B 90 7.87 0.53 -18.19
N ALA B 91 6.74 0.48 -18.87
CA ALA B 91 6.18 1.68 -19.48
C ALA B 91 4.81 1.42 -20.10
N VAL B 92 4.15 2.49 -20.49
CA VAL B 92 2.96 2.35 -21.33
C VAL B 92 3.48 2.45 -22.74
N TYR B 93 3.09 1.49 -23.59
CA TYR B 93 3.50 1.50 -24.99
C TYR B 93 2.31 1.90 -25.86
N TYR B 94 2.54 2.83 -26.79
CA TYR B 94 1.48 3.26 -27.71
C TYR B 94 1.83 2.87 -29.12
N CYS B 95 0.82 2.57 -29.94
CA CYS B 95 1.01 2.58 -31.38
C CYS B 95 0.32 3.82 -31.97
N ALA B 96 0.80 4.32 -33.12
CA ALA B 96 0.18 5.50 -33.73
C ALA B 96 0.38 5.53 -35.23
N ARG B 97 -0.66 5.95 -35.95
CA ARG B 97 -0.55 6.12 -37.38
C ARG B 97 0.32 7.34 -37.65
N THR B 98 1.22 7.22 -38.61
CA THR B 98 2.28 8.19 -38.78
C THR B 98 2.23 8.68 -40.23
N LEU B 99 2.23 10.00 -40.41
CA LEU B 99 2.12 10.56 -41.77
C LEU B 99 3.44 11.16 -42.24
N HIS B 100 3.69 11.02 -43.54
CA HIS B 100 4.84 11.61 -44.20
C HIS B 100 4.41 12.93 -44.85
N GLY B 101 5.16 13.99 -44.60
CA GLY B 101 4.89 15.26 -45.27
C GLY B 101 6.12 15.75 -45.99
N ARG B 102 5.91 16.61 -46.98
CA ARG B 102 7.02 17.24 -47.68
C ARG B 102 6.73 18.71 -47.80
N ARG B 103 7.71 19.54 -47.46
CA ARG B 103 7.57 20.97 -47.72
C ARG B 103 8.46 21.32 -48.90
N ILE B 104 7.87 21.75 -50.01
CA ILE B 104 8.63 22.26 -51.16
C ILE B 104 8.70 23.79 -51.05
N TYR B 105 9.83 24.30 -50.54
CA TYR B 105 9.96 25.72 -50.21
C TYR B 105 10.49 26.54 -51.38
N GLY B 106 11.11 25.88 -52.35
CA GLY B 106 11.64 26.55 -53.52
C GLY B 106 11.34 25.81 -54.80
N ILE B 107 12.38 25.58 -55.61
CA ILE B 107 12.22 24.97 -56.92
C ILE B 107 12.49 23.46 -56.87
N VAL B 108 11.56 22.67 -57.37
CA VAL B 108 11.64 21.21 -57.30
C VAL B 108 12.81 20.60 -58.07
N ALA B 109 13.23 21.27 -59.14
CA ALA B 109 14.38 20.82 -59.91
C ALA B 109 15.67 21.01 -59.11
N PHE B 110 15.65 22.01 -58.23
CA PHE B 110 16.78 22.30 -57.36
C PHE B 110 16.69 21.44 -56.09
N LYS B 111 15.77 20.47 -56.10
CA LYS B 111 15.51 19.60 -54.95
C LYS B 111 15.34 20.37 -53.63
N GLU B 112 14.78 21.57 -53.71
CA GLU B 112 14.65 22.46 -52.55
C GLU B 112 13.44 22.14 -51.68
N TRP B 113 13.41 20.94 -51.11
CA TRP B 113 12.36 20.55 -50.19
C TRP B 113 12.94 19.79 -49.01
N PHE B 114 12.09 19.48 -48.04
CA PHE B 114 12.48 18.55 -46.98
C PHE B 114 11.29 17.69 -46.55
N THR B 115 11.59 16.59 -45.88
CA THR B 115 10.59 15.60 -45.47
C THR B 115 10.33 15.71 -43.97
N TYR B 116 9.10 15.42 -43.53
CA TYR B 116 8.81 15.34 -42.09
C TYR B 116 7.76 14.27 -41.77
N TYR B 117 7.63 13.94 -40.49
CA TYR B 117 6.66 12.95 -40.02
C TYR B 117 5.97 13.44 -38.77
N TYR B 118 4.75 12.96 -38.57
CA TYR B 118 4.00 13.32 -37.37
C TYR B 118 2.93 12.25 -37.19
N MET B 119 2.41 12.14 -35.97
CA MET B 119 1.53 11.02 -35.63
C MET B 119 0.11 11.50 -35.36
N ASP B 120 -0.83 11.10 -36.24
CA ASP B 120 -2.18 11.70 -36.20
C ASP B 120 -3.23 10.88 -35.43
N VAL B 121 -3.14 9.55 -35.47
CA VAL B 121 -4.08 8.72 -34.73
C VAL B 121 -3.36 7.79 -33.75
N TRP B 122 -3.70 7.89 -32.47
CA TRP B 122 -3.04 7.13 -31.42
C TRP B 122 -3.88 5.98 -30.89
N GLY B 123 -3.21 4.92 -30.46
CA GLY B 123 -3.87 3.85 -29.73
C GLY B 123 -4.10 4.31 -28.30
N LYS B 124 -4.70 3.45 -27.49
CA LYS B 124 -5.04 3.82 -26.11
C LYS B 124 -3.89 3.54 -25.17
N GLY B 125 -2.90 2.79 -25.63
CA GLY B 125 -1.79 2.41 -24.78
C GLY B 125 -1.97 1.04 -24.15
N THR B 126 -0.87 0.32 -23.99
CA THR B 126 -0.86 -0.91 -23.21
C THR B 126 0.26 -0.81 -22.19
N THR B 127 -0.07 -1.15 -20.95
CA THR B 127 0.85 -1.05 -19.84
C THR B 127 1.68 -2.34 -19.77
N VAL B 128 2.99 -2.19 -19.74
CA VAL B 128 3.89 -3.34 -19.67
C VAL B 128 4.67 -3.23 -18.39
N THR B 129 4.60 -4.26 -17.55
CA THR B 129 5.36 -4.23 -16.30
C THR B 129 6.44 -5.30 -16.32
N VAL B 130 7.68 -4.87 -16.14
CA VAL B 130 8.78 -5.84 -16.12
C VAL B 130 9.04 -6.17 -14.67
N SER B 131 8.80 -7.42 -14.31
CA SER B 131 8.84 -7.82 -12.91
C SER B 131 9.09 -9.32 -12.78
N SER B 132 9.74 -9.72 -11.69
CA SER B 132 9.91 -11.14 -11.45
C SER B 132 8.72 -11.67 -10.65
N ALA B 133 7.84 -10.75 -10.21
CA ALA B 133 6.64 -11.13 -9.47
C ALA B 133 5.65 -11.91 -10.34
N SER B 134 4.81 -12.71 -9.68
CA SER B 134 3.83 -13.53 -10.39
C SER B 134 2.52 -12.79 -10.61
N THR B 135 1.84 -13.05 -11.74
CA THR B 135 0.51 -12.50 -11.97
C THR B 135 -0.50 -13.09 -10.98
N LYS B 136 -1.48 -12.28 -10.59
CA LYS B 136 -2.60 -12.75 -9.78
C LYS B 136 -3.90 -12.14 -10.32
N GLY B 137 -4.89 -12.99 -10.57
CA GLY B 137 -6.19 -12.52 -11.01
C GLY B 137 -7.02 -12.06 -9.83
N PRO B 138 -7.95 -11.11 -10.06
CA PRO B 138 -8.74 -10.53 -8.97
C PRO B 138 -9.94 -11.36 -8.53
N SER B 139 -10.40 -11.11 -7.31
CA SER B 139 -11.74 -11.48 -6.90
C SER B 139 -12.66 -10.31 -7.20
N VAL B 140 -13.91 -10.60 -7.56
CA VAL B 140 -14.86 -9.52 -7.89
C VAL B 140 -16.11 -9.60 -7.03
N PHE B 141 -16.48 -8.47 -6.40
CA PHE B 141 -17.65 -8.45 -5.53
C PHE B 141 -18.60 -7.31 -5.89
N PRO B 142 -19.92 -7.54 -5.73
CA PRO B 142 -20.85 -6.46 -6.09
C PRO B 142 -20.92 -5.44 -4.98
N LEU B 143 -21.11 -4.17 -5.36
CA LEU B 143 -21.36 -3.10 -4.42
C LEU B 143 -22.81 -2.64 -4.60
N ALA B 144 -23.70 -3.18 -3.78
CA ALA B 144 -25.14 -3.03 -3.98
C ALA B 144 -25.61 -1.59 -3.76
N PRO B 145 -26.57 -1.13 -4.59
CA PRO B 145 -27.19 0.18 -4.32
C PRO B 145 -28.09 0.06 -3.10
N SER B 146 -28.30 1.16 -2.38
CA SER B 146 -29.18 1.18 -1.20
C SER B 146 -29.57 2.62 -0.92
N SER B 147 -30.48 2.83 0.04
CA SER B 147 -30.85 4.17 0.47
C SER B 147 -29.64 5.00 0.93
N LYS B 148 -28.49 4.35 1.11
CA LYS B 148 -27.28 5.01 1.56
C LYS B 148 -26.37 5.37 0.39
N SER B 149 -26.73 4.96 -0.82
CA SER B 149 -25.93 5.32 -1.99
C SER B 149 -26.77 6.06 -3.03
N THR B 150 -27.96 6.51 -2.63
CA THR B 150 -28.78 7.31 -3.53
C THR B 150 -28.58 8.81 -3.27
N SER B 151 -28.81 9.59 -4.32
CA SER B 151 -28.81 11.04 -4.22
C SER B 151 -30.02 11.56 -4.97
N GLY B 152 -31.21 11.36 -4.41
CA GLY B 152 -32.41 11.79 -5.09
C GLY B 152 -32.64 10.95 -6.34
N GLY B 153 -32.62 11.60 -7.51
CA GLY B 153 -32.97 10.94 -8.75
C GLY B 153 -31.92 9.97 -9.28
N THR B 154 -30.76 9.93 -8.66
CA THR B 154 -29.72 9.00 -9.10
C THR B 154 -29.23 8.11 -7.96
N ALA B 155 -28.67 6.96 -8.32
CA ALA B 155 -28.17 6.01 -7.34
C ALA B 155 -26.83 5.46 -7.83
N ALA B 156 -25.96 5.09 -6.89
CA ALA B 156 -24.66 4.52 -7.23
C ALA B 156 -24.66 3.05 -6.87
N LEU B 157 -24.12 2.22 -7.77
CA LEU B 157 -23.86 0.83 -7.49
C LEU B 157 -22.55 0.51 -8.16
N GLY B 158 -21.93 -0.61 -7.83
CA GLY B 158 -20.61 -0.89 -8.38
C GLY B 158 -20.08 -2.29 -8.24
N CYS B 159 -18.82 -2.47 -8.63
CA CYS B 159 -18.11 -3.74 -8.45
C CYS B 159 -16.76 -3.49 -7.82
N LEU B 160 -16.44 -4.28 -6.80
CA LEU B 160 -15.13 -4.20 -6.15
C LEU B 160 -14.24 -5.25 -6.80
N VAL B 161 -13.09 -4.81 -7.32
CA VAL B 161 -12.17 -5.71 -7.99
C VAL B 161 -10.92 -5.87 -7.13
N LYS B 162 -10.78 -7.01 -6.44
CA LYS B 162 -9.79 -7.12 -5.37
C LYS B 162 -8.57 -8.01 -5.62
N ASP B 163 -7.39 -7.48 -5.27
CA ASP B 163 -6.16 -8.25 -5.12
C ASP B 163 -5.64 -8.84 -6.42
N TYR B 164 -5.26 -7.98 -7.36
CA TYR B 164 -4.67 -8.45 -8.62
C TYR B 164 -3.27 -7.90 -8.87
N PHE B 165 -2.57 -8.51 -9.82
CA PHE B 165 -1.25 -8.04 -10.24
C PHE B 165 -0.91 -8.62 -11.63
N PRO B 166 -0.35 -7.78 -12.51
CA PRO B 166 -0.09 -6.35 -12.36
C PRO B 166 -1.26 -5.54 -12.89
N GLU B 167 -1.07 -4.22 -13.02
CA GLU B 167 -2.06 -3.40 -13.72
C GLU B 167 -2.03 -3.77 -15.19
N PRO B 168 -3.13 -3.51 -15.93
CA PRO B 168 -4.41 -2.95 -15.48
C PRO B 168 -5.50 -4.01 -15.49
N VAL B 169 -6.68 -3.65 -14.99
CA VAL B 169 -7.87 -4.41 -15.27
C VAL B 169 -8.79 -3.45 -15.99
N THR B 170 -9.67 -3.97 -16.83
CA THR B 170 -10.68 -3.12 -17.44
C THR B 170 -12.04 -3.57 -16.96
N VAL B 171 -12.92 -2.61 -16.73
CA VAL B 171 -14.26 -2.90 -16.27
C VAL B 171 -15.23 -2.29 -17.25
N SER B 172 -16.16 -3.08 -17.75
CA SER B 172 -17.25 -2.54 -18.54
C SER B 172 -18.53 -2.88 -17.83
N TRP B 173 -19.62 -2.27 -18.27
CA TRP B 173 -20.92 -2.57 -17.69
C TRP B 173 -21.87 -2.99 -18.81
N ASN B 174 -22.65 -4.04 -18.55
CA ASN B 174 -23.60 -4.54 -19.56
C ASN B 174 -22.91 -4.76 -20.91
N SER B 175 -21.71 -5.31 -20.84
CA SER B 175 -20.90 -5.67 -22.00
C SER B 175 -20.51 -4.47 -22.85
N GLY B 176 -20.38 -3.31 -22.20
CA GLY B 176 -19.95 -2.12 -22.91
C GLY B 176 -21.11 -1.26 -23.37
N ALA B 177 -22.33 -1.79 -23.24
CA ALA B 177 -23.52 -1.06 -23.66
C ALA B 177 -23.81 0.14 -22.77
N LEU B 178 -23.48 0.00 -21.49
CA LEU B 178 -23.69 1.09 -20.53
C LEU B 178 -22.39 1.86 -20.29
N THR B 179 -22.34 3.11 -20.74
CA THR B 179 -21.11 3.92 -20.61
C THR B 179 -21.33 5.19 -19.81
N SER B 180 -22.47 5.82 -20.04
CA SER B 180 -22.85 7.04 -19.31
C SER B 180 -22.95 6.79 -17.81
N GLY B 181 -22.29 7.63 -17.01
CA GLY B 181 -22.36 7.49 -15.56
C GLY B 181 -21.33 6.53 -14.98
N VAL B 182 -20.54 5.89 -15.85
CA VAL B 182 -19.54 4.93 -15.39
C VAL B 182 -18.27 5.63 -14.90
N HIS B 183 -17.84 5.30 -13.69
CA HIS B 183 -16.62 5.90 -13.13
C HIS B 183 -15.77 4.79 -12.55
N THR B 184 -14.67 4.44 -13.24
CA THR B 184 -13.79 3.43 -12.69
C THR B 184 -12.64 4.14 -11.98
N PHE B 185 -12.56 3.93 -10.66
CA PHE B 185 -11.58 4.64 -9.83
C PHE B 185 -10.16 4.09 -10.03
N PRO B 186 -9.14 4.97 -9.93
CA PRO B 186 -7.77 4.45 -10.02
C PRO B 186 -7.51 3.44 -8.91
N ALA B 187 -6.62 2.50 -9.19
CA ALA B 187 -6.35 1.39 -8.30
C ALA B 187 -5.57 1.85 -7.08
N VAL B 188 -5.78 1.20 -5.95
CA VAL B 188 -4.87 1.37 -4.84
C VAL B 188 -3.83 0.26 -4.91
N LEU B 189 -2.57 0.58 -4.60
CA LEU B 189 -1.56 -0.47 -4.45
C LEU B 189 -1.43 -0.76 -2.97
N GLN B 190 -1.79 -1.98 -2.58
CA GLN B 190 -1.86 -2.35 -1.17
C GLN B 190 -0.50 -2.80 -0.64
N SER B 191 -0.38 -2.89 0.69
CA SER B 191 0.90 -3.27 1.29
C SER B 191 1.29 -4.67 0.86
N SER B 192 0.29 -5.48 0.50
CA SER B 192 0.55 -6.84 0.02
C SER B 192 1.20 -6.87 -1.37
N GLY B 193 1.34 -5.71 -2.01
CA GLY B 193 1.90 -5.67 -3.35
C GLY B 193 0.83 -5.89 -4.42
N LEU B 194 -0.40 -6.06 -3.98
CA LEU B 194 -1.51 -6.34 -4.89
C LEU B 194 -2.39 -5.11 -5.05
N TYR B 195 -3.00 -4.97 -6.21
CA TYR B 195 -3.88 -3.83 -6.49
C TYR B 195 -5.33 -4.15 -6.18
N SER B 196 -6.11 -3.11 -5.87
CA SER B 196 -7.57 -3.25 -5.84
C SER B 196 -8.20 -2.00 -6.43
N LEU B 197 -9.37 -2.12 -7.03
CA LEU B 197 -10.05 -0.94 -7.54
C LEU B 197 -11.55 -1.11 -7.46
N SER B 198 -12.29 -0.01 -7.62
CA SER B 198 -13.74 -0.06 -7.68
C SER B 198 -14.21 0.63 -8.94
N SER B 199 -15.29 0.12 -9.52
CA SER B 199 -15.96 0.78 -10.65
C SER B 199 -17.39 1.05 -10.23
N VAL B 200 -17.83 2.30 -10.37
CA VAL B 200 -19.16 2.68 -9.95
C VAL B 200 -19.95 3.25 -11.12
N VAL B 201 -21.21 2.84 -11.25
CA VAL B 201 -22.09 3.45 -12.24
C VAL B 201 -23.24 4.16 -11.51
N THR B 202 -23.55 5.37 -11.98
CA THR B 202 -24.64 6.17 -11.44
C THR B 202 -25.84 6.04 -12.37
N VAL B 203 -26.96 5.56 -11.82
CA VAL B 203 -28.14 5.23 -12.62
C VAL B 203 -29.38 5.90 -12.02
N PRO B 204 -30.50 5.90 -12.77
CA PRO B 204 -31.73 6.43 -12.16
C PRO B 204 -32.17 5.60 -10.98
N SER B 205 -32.59 6.25 -9.90
CA SER B 205 -33.00 5.52 -8.71
C SER B 205 -34.42 4.94 -8.84
N SER B 206 -35.28 5.63 -9.57
CA SER B 206 -36.69 5.23 -9.68
C SER B 206 -36.84 3.83 -10.29
N SER B 207 -35.87 3.45 -11.13
CA SER B 207 -35.97 2.21 -11.90
C SER B 207 -35.00 1.10 -11.47
N LEU B 208 -34.33 1.27 -10.32
CA LEU B 208 -33.40 0.24 -9.80
C LEU B 208 -34.07 -1.12 -9.67
N GLY B 209 -35.38 -1.11 -9.43
CA GLY B 209 -36.11 -2.36 -9.25
C GLY B 209 -36.19 -3.21 -10.50
N THR B 210 -36.31 -2.58 -11.67
CA THR B 210 -36.58 -3.31 -12.90
C THR B 210 -35.43 -3.40 -13.90
N GLN B 211 -34.29 -2.81 -13.57
CA GLN B 211 -33.18 -2.80 -14.53
C GLN B 211 -32.13 -3.86 -14.15
N THR B 212 -31.33 -4.26 -15.13
CA THR B 212 -30.28 -5.24 -14.86
C THR B 212 -28.89 -4.63 -15.08
N TYR B 213 -28.03 -4.71 -14.06
CA TYR B 213 -26.67 -4.17 -14.15
C TYR B 213 -25.63 -5.23 -13.88
N ILE B 214 -24.75 -5.44 -14.86
CA ILE B 214 -23.70 -6.44 -14.74
C ILE B 214 -22.35 -5.81 -15.05
N CYS B 215 -21.38 -6.03 -14.16
CA CYS B 215 -20.04 -5.52 -14.44
C CYS B 215 -19.19 -6.65 -15.01
N ASN B 216 -18.48 -6.33 -16.08
CA ASN B 216 -17.60 -7.28 -16.74
C ASN B 216 -16.16 -6.88 -16.47
N VAL B 217 -15.43 -7.73 -15.74
CA VAL B 217 -14.06 -7.44 -15.35
C VAL B 217 -13.10 -8.28 -16.19
N ASN B 218 -12.12 -7.65 -16.81
CA ASN B 218 -11.10 -8.38 -17.55
C ASN B 218 -9.72 -8.06 -17.02
N HIS B 219 -8.98 -9.08 -16.59
CA HIS B 219 -7.57 -8.93 -16.24
C HIS B 219 -6.71 -9.79 -17.16
N LYS B 220 -6.24 -9.17 -18.24
CA LYS B 220 -5.52 -9.90 -19.29
C LYS B 220 -4.29 -10.68 -18.83
N PRO B 221 -3.43 -10.09 -17.95
CA PRO B 221 -2.22 -10.84 -17.57
C PRO B 221 -2.49 -12.15 -16.85
N SER B 222 -3.66 -12.32 -16.24
CA SER B 222 -3.99 -13.61 -15.61
C SER B 222 -5.05 -14.36 -16.38
N ASN B 223 -5.49 -13.81 -17.51
CA ASN B 223 -6.60 -14.38 -18.27
C ASN B 223 -7.85 -14.57 -17.41
N THR B 224 -8.14 -13.59 -16.56
CA THR B 224 -9.33 -13.64 -15.72
C THR B 224 -10.46 -12.83 -16.33
N LYS B 225 -11.62 -13.45 -16.47
CA LYS B 225 -12.80 -12.73 -16.93
C LYS B 225 -13.93 -13.07 -15.98
N VAL B 226 -14.57 -12.04 -15.45
CA VAL B 226 -15.67 -12.22 -14.48
C VAL B 226 -16.82 -11.31 -14.86
N ASP B 227 -18.05 -11.84 -14.78
CA ASP B 227 -19.25 -11.02 -14.93
C ASP B 227 -19.93 -11.09 -13.57
N LYS B 228 -20.24 -9.94 -12.99
CA LYS B 228 -20.92 -9.94 -11.69
C LYS B 228 -22.22 -9.15 -11.76
N ARG B 229 -23.33 -9.80 -11.45
CA ARG B 229 -24.62 -9.12 -11.35
C ARG B 229 -24.67 -8.25 -10.09
N VAL B 230 -25.09 -7.00 -10.23
CA VAL B 230 -25.21 -6.10 -9.08
C VAL B 230 -26.64 -5.63 -8.85
N GLU B 231 -27.24 -6.07 -7.76
CA GLU B 231 -28.63 -5.70 -7.48
C GLU B 231 -28.85 -5.30 -6.02
N PRO B 232 -29.97 -4.61 -5.73
CA PRO B 232 -30.27 -4.19 -4.36
C PRO B 232 -30.19 -5.31 -3.32
N SER C 1 -21.43 -23.59 21.16
CA SER C 1 -20.42 -23.41 22.19
C SER C 1 -20.71 -22.16 23.03
N TYR C 2 -20.22 -22.14 24.27
CA TYR C 2 -20.44 -21.01 25.17
C TYR C 2 -19.87 -19.72 24.59
N VAL C 3 -20.59 -18.63 24.75
CA VAL C 3 -20.22 -17.36 24.12
C VAL C 3 -19.91 -16.24 25.13
N LEU C 4 -18.74 -15.64 24.98
CA LEU C 4 -18.35 -14.50 25.79
C LEU C 4 -18.41 -13.25 24.94
N THR C 5 -19.11 -12.22 25.42
CA THR C 5 -19.28 -11.00 24.67
C THR C 5 -18.58 -9.83 25.35
N GLN C 6 -17.55 -9.30 24.70
CA GLN C 6 -16.87 -8.11 25.20
C GLN C 6 -17.17 -6.93 24.28
N PRO C 7 -17.24 -5.71 24.84
CA PRO C 7 -17.27 -4.51 24.00
C PRO C 7 -15.90 -4.32 23.31
N PRO C 8 -15.89 -4.04 22.00
CA PRO C 8 -14.58 -3.94 21.34
C PRO C 8 -13.72 -2.78 21.81
N SER C 9 -14.33 -1.73 22.37
CA SER C 9 -13.61 -0.50 22.71
C SER C 9 -14.12 0.12 24.02
N VAL C 10 -13.19 0.51 24.88
CA VAL C 10 -13.50 1.31 26.06
C VAL C 10 -12.49 2.44 26.11
N SER C 11 -12.94 3.66 26.38
CA SER C 11 -12.03 4.79 26.42
C SER C 11 -12.26 5.58 27.70
N VAL C 12 -11.17 5.99 28.35
CA VAL C 12 -11.24 6.82 29.55
C VAL C 12 -10.16 7.89 29.55
N ALA C 13 -10.31 8.89 30.43
CA ALA C 13 -9.30 9.91 30.62
C ALA C 13 -8.36 9.46 31.74
N PRO C 14 -7.11 9.96 31.74
CA PRO C 14 -6.14 9.50 32.75
C PRO C 14 -6.65 9.77 34.14
N GLY C 15 -6.42 8.84 35.07
CA GLY C 15 -6.86 9.00 36.45
C GLY C 15 -8.27 8.49 36.67
N GLN C 16 -9.01 8.26 35.59
CA GLN C 16 -10.37 7.76 35.74
C GLN C 16 -10.38 6.25 35.88
N THR C 17 -11.57 5.70 36.14
CA THR C 17 -11.75 4.25 36.27
C THR C 17 -12.36 3.62 35.03
N ALA C 18 -11.69 2.61 34.49
CA ALA C 18 -12.22 1.90 33.32
C ALA C 18 -12.86 0.61 33.80
N ARG C 19 -14.00 0.28 33.22
CA ARG C 19 -14.65 -0.99 33.50
C ARG C 19 -14.83 -1.74 32.20
N ILE C 20 -14.22 -2.92 32.14
CA ILE C 20 -14.31 -3.75 30.97
C ILE C 20 -15.20 -4.95 31.28
N THR C 21 -16.23 -5.16 30.47
CA THR C 21 -17.22 -6.17 30.79
C THR C 21 -17.07 -7.41 29.93
N CYS C 22 -17.56 -8.53 30.45
CA CYS C 22 -17.50 -9.79 29.75
C CYS C 22 -18.82 -10.46 30.07
N GLY C 23 -19.75 -10.45 29.11
CA GLY C 23 -21.08 -11.00 29.34
C GLY C 23 -21.17 -12.46 28.94
N GLY C 24 -21.93 -13.23 29.69
CA GLY C 24 -22.10 -14.63 29.37
C GLY C 24 -23.33 -15.12 30.10
N ASN C 25 -24.03 -16.08 29.50
CA ASN C 25 -25.22 -16.63 30.11
C ASN C 25 -24.87 -17.29 31.43
N ASN C 26 -25.32 -16.70 32.53
CA ASN C 26 -25.00 -17.20 33.87
C ASN C 26 -23.49 -17.40 34.09
N ILE C 27 -22.70 -16.43 33.64
CA ILE C 27 -21.25 -16.49 33.77
C ILE C 27 -20.86 -16.40 35.25
N GLY C 28 -21.77 -15.83 36.05
CA GLY C 28 -21.60 -15.79 37.49
C GLY C 28 -21.34 -17.15 38.12
N SER C 29 -21.81 -18.22 37.47
CA SER C 29 -21.61 -19.58 37.96
C SER C 29 -20.28 -20.19 37.49
N LYS C 30 -19.55 -19.48 36.63
CA LYS C 30 -18.30 -19.99 36.06
C LYS C 30 -17.08 -19.29 36.66
N SER C 31 -15.88 -19.76 36.30
CA SER C 31 -14.64 -19.12 36.74
C SER C 31 -14.04 -18.28 35.60
N VAL C 32 -13.84 -16.98 35.84
CA VAL C 32 -13.41 -16.06 34.76
C VAL C 32 -11.97 -15.57 34.96
N HIS C 33 -11.18 -15.59 33.90
CA HIS C 33 -9.78 -15.17 33.95
C HIS C 33 -9.58 -14.04 32.95
N TRP C 34 -8.63 -13.15 33.22
CA TRP C 34 -8.38 -12.01 32.34
C TRP C 34 -6.92 -11.89 31.91
N TYR C 35 -6.70 -11.52 30.65
CA TYR C 35 -5.37 -11.36 30.10
C TYR C 35 -5.26 -9.97 29.54
N GLN C 36 -4.10 -9.36 29.75
CA GLN C 36 -3.80 -8.04 29.19
C GLN C 36 -2.74 -8.20 28.11
N GLN C 37 -2.98 -7.61 26.93
CA GLN C 37 -1.95 -7.65 25.89
C GLN C 37 -1.63 -6.27 25.35
N LYS C 38 -0.48 -5.73 25.76
CA LYS C 38 -0.06 -4.40 25.32
C LYS C 38 0.44 -4.47 23.88
N PRO C 39 0.37 -3.34 23.16
CA PRO C 39 0.75 -3.33 21.74
C PRO C 39 2.15 -3.91 21.51
N GLY C 40 2.24 -4.90 20.63
CA GLY C 40 3.51 -5.54 20.32
C GLY C 40 4.11 -6.46 21.38
N GLN C 41 3.33 -6.79 22.40
CA GLN C 41 3.84 -7.66 23.47
C GLN C 41 3.02 -8.94 23.57
N ALA C 42 3.54 -9.91 24.33
CA ALA C 42 2.80 -11.14 24.65
C ALA C 42 1.73 -10.89 25.72
N PRO C 43 0.65 -11.69 25.71
CA PRO C 43 -0.37 -11.54 26.75
C PRO C 43 0.20 -11.76 28.14
N VAL C 44 -0.46 -11.19 29.16
CA VAL C 44 -0.11 -11.42 30.57
C VAL C 44 -1.37 -11.72 31.37
N LEU C 45 -1.30 -12.69 32.30
CA LEU C 45 -2.46 -12.96 33.15
C LEU C 45 -2.62 -11.81 34.16
N VAL C 46 -3.79 -11.17 34.21
CA VAL C 46 -3.98 -10.11 35.22
C VAL C 46 -5.01 -10.45 36.31
N VAL C 47 -5.91 -11.39 36.01
CA VAL C 47 -6.88 -11.85 37.02
C VAL C 47 -7.14 -13.31 36.75
N TYR C 48 -7.20 -14.14 37.79
CA TYR C 48 -7.66 -15.53 37.59
C TYR C 48 -8.74 -15.92 38.60
N ASP C 49 -9.57 -16.90 38.24
CA ASP C 49 -10.69 -17.32 39.10
C ASP C 49 -11.55 -16.15 39.63
N ASP C 50 -12.07 -15.33 38.72
CA ASP C 50 -12.91 -14.16 39.04
C ASP C 50 -12.17 -12.94 39.57
N SER C 51 -11.42 -13.12 40.67
CA SER C 51 -10.89 -11.99 41.40
C SER C 51 -9.47 -12.16 41.96
N ASP C 52 -8.85 -13.32 41.77
CA ASP C 52 -7.50 -13.51 42.32
C ASP C 52 -6.44 -12.73 41.54
N ARG C 53 -5.47 -12.16 42.28
CA ARG C 53 -4.42 -11.32 41.69
C ARG C 53 -3.10 -12.08 41.55
N PRO C 54 -2.61 -12.25 40.32
CA PRO C 54 -1.29 -12.87 40.10
C PRO C 54 -0.20 -12.02 40.72
N SER C 55 0.93 -12.62 41.09
CA SER C 55 2.02 -11.83 41.64
C SER C 55 2.50 -10.76 40.64
N GLY C 56 2.79 -9.57 41.14
CA GLY C 56 3.32 -8.51 40.30
C GLY C 56 2.30 -7.61 39.63
N ILE C 57 1.02 -7.96 39.69
CA ILE C 57 -0.01 -7.16 39.02
C ILE C 57 -0.45 -6.01 39.92
N PRO C 58 -0.52 -4.78 39.40
CA PRO C 58 -0.77 -3.64 40.29
C PRO C 58 -2.14 -3.67 40.99
N GLU C 59 -2.22 -3.01 42.13
CA GLU C 59 -3.43 -2.96 42.93
C GLU C 59 -4.63 -2.36 42.21
N ARG C 60 -4.38 -1.52 41.20
CA ARG C 60 -5.48 -0.85 40.51
C ARG C 60 -6.29 -1.78 39.62
N PHE C 61 -5.82 -3.02 39.41
CA PHE C 61 -6.60 -4.00 38.68
C PHE C 61 -7.45 -4.85 39.62
N SER C 62 -8.73 -5.05 39.31
CA SER C 62 -9.55 -5.91 40.16
C SER C 62 -10.66 -6.62 39.38
N GLY C 63 -10.78 -7.92 39.61
CA GLY C 63 -11.78 -8.71 38.91
C GLY C 63 -13.01 -8.97 39.76
N SER C 64 -14.15 -9.09 39.10
CA SER C 64 -15.38 -9.48 39.78
C SER C 64 -16.27 -10.24 38.80
N ASN C 65 -17.24 -10.98 39.32
CA ASN C 65 -18.10 -11.81 38.48
C ASN C 65 -19.42 -12.11 39.21
N SER C 66 -20.54 -11.80 38.59
CA SER C 66 -21.86 -12.12 39.17
C SER C 66 -22.96 -12.04 38.13
N GLY C 67 -23.92 -12.96 38.21
CA GLY C 67 -25.02 -12.98 37.28
C GLY C 67 -24.58 -13.32 35.86
N ASN C 68 -24.83 -12.38 34.94
CA ASN C 68 -24.50 -12.58 33.54
C ASN C 68 -23.35 -11.71 33.07
N THR C 69 -22.63 -11.11 34.01
CA THR C 69 -21.51 -10.27 33.62
C THR C 69 -20.31 -10.28 34.58
N ALA C 70 -19.12 -10.49 34.01
CA ALA C 70 -17.87 -10.34 34.75
C ALA C 70 -17.20 -9.05 34.28
N THR C 71 -16.48 -8.40 35.19
CA THR C 71 -15.93 -7.08 34.94
C THR C 71 -14.50 -7.00 35.41
N LEU C 72 -13.64 -6.45 34.56
CA LEU C 72 -12.30 -6.06 34.98
C LEU C 72 -12.37 -4.56 35.21
N THR C 73 -12.21 -4.14 36.46
CA THR C 73 -12.20 -2.72 36.79
C THR C 73 -10.76 -2.26 36.96
N ILE C 74 -10.37 -1.18 36.27
CA ILE C 74 -9.02 -0.63 36.42
C ILE C 74 -9.13 0.78 36.95
N SER C 75 -8.73 0.99 38.21
CA SER C 75 -8.84 2.32 38.79
C SER C 75 -7.61 3.18 38.48
N ARG C 76 -7.78 4.50 38.52
CA ARG C 76 -6.67 5.42 38.27
C ARG C 76 -5.88 5.03 37.01
N VAL C 77 -6.57 4.93 35.89
CA VAL C 77 -5.99 4.42 34.65
C VAL C 77 -4.80 5.27 34.18
N GLU C 78 -3.73 4.63 33.73
CA GLU C 78 -2.56 5.35 33.20
C GLU C 78 -2.45 5.05 31.73
N ALA C 79 -1.74 5.91 31.01
CA ALA C 79 -1.53 5.68 29.58
C ALA C 79 -0.88 4.32 29.33
N GLY C 80 0.00 3.90 30.24
CA GLY C 80 0.61 2.58 30.13
C GLY C 80 -0.35 1.39 30.19
N ASP C 81 -1.58 1.62 30.64
CA ASP C 81 -2.57 0.54 30.74
C ASP C 81 -3.26 0.23 29.42
N GLU C 82 -3.01 1.05 28.39
CA GLU C 82 -3.56 0.78 27.07
C GLU C 82 -3.15 -0.62 26.59
N ALA C 83 -4.15 -1.41 26.19
CA ALA C 83 -3.94 -2.80 25.81
C ALA C 83 -5.23 -3.40 25.31
N ASP C 84 -5.15 -4.61 24.78
CA ASP C 84 -6.35 -5.37 24.51
C ASP C 84 -6.54 -6.28 25.71
N TYR C 85 -7.75 -6.30 26.24
CA TYR C 85 -8.06 -7.11 27.41
C TYR C 85 -9.01 -8.23 27.03
N TYR C 86 -8.63 -9.47 27.33
CA TYR C 86 -9.41 -10.64 26.92
C TYR C 86 -9.89 -11.38 28.17
N CYS C 87 -11.19 -11.65 28.24
CA CYS C 87 -11.73 -12.50 29.30
C CYS C 87 -11.76 -13.93 28.76
N GLN C 88 -11.74 -14.91 29.67
CA GLN C 88 -11.59 -16.30 29.27
C GLN C 88 -12.24 -17.23 30.27
N VAL C 89 -12.97 -18.24 29.78
CA VAL C 89 -13.48 -19.27 30.69
C VAL C 89 -13.14 -20.64 30.16
N TRP C 90 -13.25 -21.65 31.02
CA TRP C 90 -13.16 -23.03 30.56
C TRP C 90 -14.50 -23.69 30.76
N ASP C 91 -15.08 -24.18 29.68
CA ASP C 91 -16.40 -24.79 29.70
C ASP C 91 -16.31 -26.30 29.58
N SER C 92 -16.74 -27.01 30.62
CA SER C 92 -16.64 -28.47 30.67
C SER C 92 -17.44 -29.21 29.59
N ARG C 93 -18.63 -28.71 29.25
CA ARG C 93 -19.49 -29.38 28.28
C ARG C 93 -18.87 -29.42 26.88
N GLY C 94 -18.43 -28.27 26.38
CA GLY C 94 -17.71 -28.22 25.13
C GLY C 94 -18.54 -28.37 23.88
N PRO C 95 -17.95 -28.92 22.79
CA PRO C 95 -16.57 -29.44 22.74
C PRO C 95 -15.52 -28.32 22.66
N THR C 96 -15.95 -27.09 22.42
CA THR C 96 -15.06 -25.95 22.60
C THR C 96 -14.96 -25.68 24.09
N ASN C 97 -13.95 -26.27 24.74
CA ASN C 97 -13.78 -26.06 26.17
C ASN C 97 -13.17 -24.68 26.48
N TRP C 98 -12.17 -24.28 25.70
CA TRP C 98 -11.47 -23.03 25.97
C TRP C 98 -12.08 -21.87 25.19
N VAL C 99 -12.76 -20.98 25.89
CA VAL C 99 -13.45 -19.86 25.24
C VAL C 99 -12.78 -18.55 25.63
N PHE C 100 -12.35 -17.79 24.61
CA PHE C 100 -11.84 -16.45 24.84
C PHE C 100 -12.89 -15.44 24.41
N GLY C 101 -12.95 -14.31 25.10
CA GLY C 101 -13.75 -13.19 24.63
C GLY C 101 -13.11 -12.58 23.41
N GLY C 102 -13.82 -11.69 22.72
CA GLY C 102 -13.31 -11.07 21.52
C GLY C 102 -12.20 -10.07 21.78
N GLY C 103 -12.12 -9.59 23.01
CA GLY C 103 -11.12 -8.60 23.36
C GLY C 103 -11.70 -7.21 23.43
N THR C 104 -11.22 -6.42 24.39
CA THR C 104 -11.64 -5.02 24.48
C THR C 104 -10.39 -4.16 24.41
N LYS C 105 -10.39 -3.20 23.48
CA LYS C 105 -9.27 -2.28 23.37
C LYS C 105 -9.47 -1.09 24.31
N LEU C 106 -8.52 -0.89 25.21
CA LEU C 106 -8.60 0.23 26.13
C LEU C 106 -7.79 1.36 25.56
N THR C 107 -8.44 2.52 25.42
CA THR C 107 -7.76 3.70 24.94
C THR C 107 -7.80 4.73 26.05
N VAL C 108 -6.67 5.41 26.27
CA VAL C 108 -6.62 6.53 27.19
C VAL C 108 -6.47 7.82 26.36
N LEU C 109 -7.52 8.63 26.35
CA LEU C 109 -7.49 9.91 25.64
C LEU C 109 -7.22 11.04 26.64
N GLY C 110 -7.01 12.25 26.14
CA GLY C 110 -6.79 13.39 27.00
C GLY C 110 -5.33 13.50 27.37
N GLN C 111 -4.49 12.76 26.65
CA GLN C 111 -3.06 12.81 26.93
C GLN C 111 -2.49 14.09 26.29
N PRO C 112 -1.44 14.65 26.90
CA PRO C 112 -0.78 15.85 26.37
C PRO C 112 -0.22 15.65 24.96
N LYS C 113 -0.31 16.71 24.15
CA LYS C 113 0.28 16.71 22.82
C LYS C 113 1.80 16.57 22.89
N ALA C 114 2.38 15.83 21.95
CA ALA C 114 3.84 15.74 21.83
C ALA C 114 4.22 15.85 20.37
N ALA C 115 5.09 16.82 20.06
CA ALA C 115 5.50 17.04 18.67
C ALA C 115 6.53 16.00 18.23
N PRO C 116 6.48 15.60 16.95
CA PRO C 116 7.38 14.55 16.47
C PRO C 116 8.84 14.99 16.38
N SER C 117 9.74 14.09 16.76
CA SER C 117 11.16 14.29 16.50
C SER C 117 11.38 13.63 15.15
N VAL C 118 12.02 14.36 14.22
CA VAL C 118 12.20 13.85 12.87
C VAL C 118 13.68 13.74 12.53
N THR C 119 14.12 12.55 12.12
CA THR C 119 15.50 12.36 11.65
C THR C 119 15.49 11.84 10.23
N LEU C 120 16.29 12.47 9.38
CA LEU C 120 16.37 12.06 7.96
C LEU C 120 17.78 11.67 7.60
N PHE C 121 17.95 10.47 7.04
CA PHE C 121 19.25 10.02 6.56
C PHE C 121 19.28 9.93 5.04
N PRO C 122 20.37 10.40 4.44
CA PRO C 122 20.62 10.20 3.00
C PRO C 122 21.04 8.76 2.73
N PRO C 123 21.08 8.34 1.44
CA PRO C 123 21.60 7.00 1.14
C PRO C 123 23.05 6.92 1.59
N SER C 124 23.44 5.76 2.12
CA SER C 124 24.82 5.56 2.56
C SER C 124 25.72 5.48 1.33
N SER C 125 26.99 5.80 1.54
CA SER C 125 28.00 5.59 0.50
C SER C 125 27.95 4.14 0.02
N GLU C 126 27.87 3.20 0.97
CA GLU C 126 27.83 1.78 0.62
C GLU C 126 26.65 1.40 -0.27
N GLU C 127 25.44 1.87 0.06
CA GLU C 127 24.27 1.55 -0.74
C GLU C 127 24.43 2.15 -2.15
N LEU C 128 24.91 3.39 -2.21
CA LEU C 128 25.08 4.08 -3.50
C LEU C 128 25.99 3.30 -4.43
N GLN C 129 27.09 2.77 -3.90
CA GLN C 129 27.97 1.98 -4.77
C GLN C 129 27.55 0.53 -4.95
N ALA C 130 26.47 0.13 -4.27
CA ALA C 130 25.75 -1.07 -4.66
C ALA C 130 24.65 -0.69 -5.67
N ASN C 131 24.73 0.53 -6.18
CA ASN C 131 23.81 1.03 -7.21
C ASN C 131 22.33 1.14 -6.78
N LYS C 132 22.11 1.44 -5.49
CA LYS C 132 20.77 1.65 -4.97
C LYS C 132 20.78 2.91 -4.11
N ALA C 133 19.60 3.42 -3.77
CA ALA C 133 19.53 4.59 -2.90
C ALA C 133 18.22 4.61 -2.12
N THR C 134 18.33 4.62 -0.80
CA THR C 134 17.15 4.74 0.06
C THR C 134 17.28 5.93 1.00
N LEU C 135 16.28 6.81 1.01
CA LEU C 135 16.20 7.85 2.02
C LEU C 135 15.36 7.35 3.19
N VAL C 136 15.80 7.61 4.42
CA VAL C 136 15.13 7.05 5.58
C VAL C 136 14.71 8.19 6.50
N CYS C 137 13.39 8.35 6.67
CA CYS C 137 12.86 9.41 7.51
C CYS C 137 12.22 8.78 8.75
N LEU C 138 12.81 9.04 9.92
CA LEU C 138 12.37 8.39 11.16
C LEU C 138 11.66 9.43 12.03
N ILE C 139 10.47 9.07 12.49
CA ILE C 139 9.59 10.00 13.20
C ILE C 139 9.24 9.39 14.54
N SER C 140 9.60 10.06 15.64
CA SER C 140 9.36 9.44 16.93
C SER C 140 8.83 10.40 17.98
N ASP C 141 8.44 9.84 19.12
CA ASP C 141 7.99 10.62 20.30
C ASP C 141 6.81 11.54 20.00
N PHE C 142 5.88 11.13 19.13
CA PHE C 142 4.70 11.96 18.89
C PHE C 142 3.38 11.47 19.53
N TYR C 143 2.53 12.44 19.89
CA TYR C 143 1.17 12.12 20.35
C TYR C 143 0.24 13.29 20.03
N PRO C 144 -0.97 13.00 19.51
CA PRO C 144 -1.57 11.69 19.19
C PRO C 144 -0.82 10.93 18.11
N GLY C 145 -1.07 9.63 18.02
CA GLY C 145 -0.39 8.78 17.07
C GLY C 145 -0.92 8.86 15.66
N ALA C 146 -0.81 10.02 15.04
CA ALA C 146 -1.21 10.20 13.65
C ALA C 146 -0.37 11.30 12.97
N VAL C 147 0.27 10.96 11.85
CA VAL C 147 1.05 11.92 11.09
C VAL C 147 0.82 11.67 9.62
N THR C 148 1.11 12.67 8.79
CA THR C 148 1.15 12.48 7.35
C THR C 148 2.54 12.84 6.90
N VAL C 149 3.08 12.04 5.98
CA VAL C 149 4.42 12.27 5.49
C VAL C 149 4.41 12.60 3.99
N ALA C 150 5.13 13.65 3.62
CA ALA C 150 5.23 14.03 2.22
C ALA C 150 6.69 14.26 1.89
N TRP C 151 7.09 13.81 0.69
CA TRP C 151 8.47 13.94 0.24
C TRP C 151 8.59 14.97 -0.87
N LYS C 152 9.70 15.68 -0.88
CA LYS C 152 10.01 16.65 -1.91
C LYS C 152 11.38 16.39 -2.52
N ALA C 153 11.47 16.50 -3.85
CA ALA C 153 12.75 16.55 -4.55
C ALA C 153 12.93 18.02 -4.88
N ASP C 154 13.98 18.64 -4.32
CA ASP C 154 14.03 20.09 -4.23
C ASP C 154 12.71 20.61 -3.63
N SER C 155 11.86 21.22 -4.46
CA SER C 155 10.59 21.75 -3.99
C SER C 155 9.38 20.98 -4.51
N SER C 156 9.61 20.04 -5.41
CA SER C 156 8.51 19.38 -6.10
C SER C 156 8.09 18.07 -5.42
N PRO C 157 6.77 17.82 -5.34
CA PRO C 157 6.22 16.64 -4.68
C PRO C 157 6.80 15.36 -5.28
N VAL C 158 7.06 14.37 -4.43
CA VAL C 158 7.57 13.08 -4.91
C VAL C 158 6.46 12.05 -4.82
N LYS C 159 6.02 11.55 -5.96
CA LYS C 159 4.94 10.55 -6.01
C LYS C 159 5.41 9.14 -5.65
N ALA C 160 6.27 8.61 -6.50
CA ALA C 160 6.64 7.19 -6.48
C ALA C 160 7.79 6.90 -5.52
N GLY C 161 7.88 5.64 -5.09
CA GLY C 161 9.02 5.19 -4.31
C GLY C 161 8.84 5.30 -2.80
N VAL C 162 7.69 5.82 -2.37
CA VAL C 162 7.46 6.03 -0.93
C VAL C 162 6.72 4.86 -0.28
N GLU C 163 7.24 4.38 0.85
CA GLU C 163 6.53 3.43 1.72
C GLU C 163 6.64 3.97 3.14
N THR C 164 5.50 4.12 3.81
CA THR C 164 5.42 4.74 5.14
C THR C 164 4.67 3.79 6.07
N THR C 165 5.17 3.61 7.30
CA THR C 165 4.50 2.70 8.24
C THR C 165 3.34 3.36 8.97
N THR C 166 2.44 2.54 9.51
CA THR C 166 1.46 3.05 10.46
C THR C 166 2.15 3.38 11.77
N PRO C 167 1.69 4.42 12.49
CA PRO C 167 2.31 4.72 13.79
C PRO C 167 2.13 3.56 14.79
N SER C 168 3.13 3.33 15.64
CA SER C 168 3.06 2.28 16.65
C SER C 168 3.53 2.86 17.98
N LYS C 169 3.01 2.34 19.08
CA LYS C 169 3.35 2.86 20.41
C LYS C 169 4.77 2.54 20.84
N GLN C 170 5.45 3.53 21.41
CA GLN C 170 6.73 3.30 22.06
C GLN C 170 6.46 2.96 23.53
N SER C 171 7.51 2.58 24.26
CA SER C 171 7.37 2.23 25.67
C SER C 171 7.02 3.45 26.53
N ASN C 172 7.35 4.64 26.04
CA ASN C 172 7.05 5.86 26.79
C ASN C 172 5.67 6.44 26.48
N ASN C 173 4.86 5.64 25.80
CA ASN C 173 3.47 5.96 25.46
C ASN C 173 3.25 6.96 24.32
N LYS C 174 4.34 7.42 23.71
CA LYS C 174 4.21 8.21 22.48
C LYS C 174 4.37 7.26 21.29
N TYR C 175 4.30 7.82 20.07
CA TYR C 175 4.27 7.00 18.87
C TYR C 175 5.49 7.16 17.97
N ALA C 176 5.74 6.14 17.15
CA ALA C 176 6.84 6.16 16.17
C ALA C 176 6.32 5.72 14.82
N ALA C 177 6.98 6.19 13.76
CA ALA C 177 6.65 5.76 12.41
C ALA C 177 7.88 6.02 11.54
N SER C 178 7.94 5.37 10.39
CA SER C 178 9.06 5.63 9.49
C SER C 178 8.60 5.67 8.04
N SER C 179 9.30 6.42 7.21
CA SER C 179 8.99 6.49 5.80
C SER C 179 10.27 6.33 5.02
N TYR C 180 10.19 5.57 3.93
CA TYR C 180 11.34 5.26 3.08
C TYR C 180 11.10 5.76 1.66
N LEU C 181 12.07 6.49 1.13
CA LEU C 181 12.00 6.88 -0.28
C LEU C 181 13.07 6.13 -1.06
N SER C 182 12.65 5.28 -1.99
CA SER C 182 13.59 4.55 -2.86
C SER C 182 13.85 5.34 -4.14
N LEU C 183 15.13 5.59 -4.44
CA LEU C 183 15.52 6.30 -5.66
C LEU C 183 16.64 5.56 -6.36
N THR C 184 16.92 5.94 -7.61
CA THR C 184 18.15 5.53 -8.26
C THR C 184 19.23 6.51 -7.84
N PRO C 185 20.49 6.05 -7.87
CA PRO C 185 21.60 6.95 -7.52
C PRO C 185 21.61 8.20 -8.42
N GLU C 186 21.15 8.05 -9.66
CA GLU C 186 21.10 9.18 -10.58
C GLU C 186 20.03 10.20 -10.15
N GLN C 187 18.87 9.72 -9.72
CA GLN C 187 17.84 10.62 -9.19
C GLN C 187 18.39 11.38 -8.00
N TRP C 188 18.99 10.65 -7.08
CA TRP C 188 19.57 11.23 -5.88
C TRP C 188 20.55 12.34 -6.24
N LYS C 189 21.41 12.07 -7.22
CA LYS C 189 22.53 12.95 -7.55
C LYS C 189 22.16 14.19 -8.37
N SER C 190 20.94 14.20 -8.91
CA SER C 190 20.52 15.22 -9.87
C SER C 190 19.64 16.31 -9.27
N HIS C 191 19.35 16.22 -7.98
CA HIS C 191 18.62 17.30 -7.31
C HIS C 191 19.53 17.96 -6.29
N LYS C 192 19.22 19.19 -5.93
CA LYS C 192 20.01 19.90 -4.94
C LYS C 192 19.76 19.33 -3.55
N SER C 193 18.53 18.89 -3.31
CA SER C 193 18.16 18.31 -2.01
C SER C 193 16.87 17.50 -2.09
N TYR C 194 16.66 16.65 -1.09
CA TYR C 194 15.38 15.97 -0.89
C TYR C 194 14.89 16.31 0.50
N SER C 195 13.58 16.36 0.68
CA SER C 195 13.03 16.68 1.99
C SER C 195 11.91 15.73 2.40
N CYS C 196 11.87 15.45 3.70
CA CYS C 196 10.78 14.70 4.33
C CYS C 196 9.99 15.70 5.14
N GLN C 197 8.71 15.85 4.82
CA GLN C 197 7.87 16.81 5.52
C GLN C 197 6.86 16.06 6.36
N VAL C 198 6.83 16.36 7.65
CA VAL C 198 5.97 15.62 8.58
C VAL C 198 4.89 16.51 9.18
N THR C 199 3.64 16.20 8.89
CA THR C 199 2.53 16.99 9.39
C THR C 199 1.87 16.30 10.58
N HIS C 200 1.72 17.05 11.66
CA HIS C 200 1.14 16.50 12.89
C HIS C 200 0.34 17.59 13.61
N GLU C 201 -0.92 17.29 13.94
CA GLU C 201 -1.78 18.24 14.65
C GLU C 201 -1.76 19.65 14.05
N GLY C 202 -1.85 19.72 12.73
CA GLY C 202 -2.02 21.00 12.05
C GLY C 202 -0.74 21.77 11.79
N SER C 203 0.39 21.12 12.01
CA SER C 203 1.68 21.77 11.85
C SER C 203 2.61 20.87 11.05
N THR C 204 3.50 21.47 10.26
CA THR C 204 4.39 20.69 9.40
C THR C 204 5.84 21.03 9.69
N VAL C 205 6.67 20.01 9.89
CA VAL C 205 8.11 20.21 10.06
C VAL C 205 8.84 19.47 8.95
N GLU C 206 10.02 19.97 8.61
CA GLU C 206 10.74 19.48 7.44
C GLU C 206 12.20 19.24 7.77
N LYS C 207 12.73 18.10 7.31
CA LYS C 207 14.18 17.84 7.37
C LYS C 207 14.65 17.67 5.93
N THR C 208 15.91 17.98 5.68
CA THR C 208 16.41 18.02 4.31
C THR C 208 17.82 17.45 4.27
N VAL C 209 18.12 16.67 3.23
CA VAL C 209 19.48 16.17 3.02
C VAL C 209 19.87 16.37 1.55
N ALA C 210 21.17 16.38 1.29
CA ALA C 210 21.70 16.74 -0.03
C ALA C 210 22.88 15.85 -0.40
N PRO C 211 23.01 15.52 -1.69
CA PRO C 211 24.13 14.74 -2.21
C PRO C 211 25.47 15.29 -1.76
N PCA D 1 10.92 -18.16 38.81
CA PCA D 1 11.59 -17.48 37.69
CB PCA D 1 13.08 -17.38 37.97
CG PCA D 1 13.39 -18.53 38.90
CD PCA D 1 12.04 -18.80 39.50
OE PCA D 1 11.90 -19.48 40.52
C PCA D 1 11.42 -18.34 36.45
O PCA D 1 12.32 -18.38 35.61
N VAL D 2 10.29 -19.03 36.35
CA VAL D 2 10.07 -19.92 35.21
C VAL D 2 10.02 -19.12 33.92
N GLN D 3 10.73 -19.61 32.89
CA GLN D 3 10.84 -18.92 31.62
C GLN D 3 10.42 -19.86 30.48
N LEU D 4 9.66 -19.34 29.51
CA LEU D 4 9.26 -20.16 28.35
C LEU D 4 9.77 -19.51 27.07
N GLN D 5 10.31 -20.31 26.16
CA GLN D 5 10.83 -19.76 24.90
C GLN D 5 10.46 -20.61 23.69
N GLU D 6 9.72 -19.99 22.77
CA GLU D 6 9.32 -20.66 21.52
C GLU D 6 10.47 -20.69 20.54
N SER D 7 10.55 -21.76 19.76
CA SER D 7 11.47 -21.78 18.63
C SER D 7 10.73 -22.36 17.43
N GLY D 8 10.99 -21.79 16.25
CA GLY D 8 10.28 -22.18 15.05
C GLY D 8 10.98 -21.71 13.80
N PRO D 9 10.46 -22.07 12.62
CA PRO D 9 11.16 -21.90 11.34
C PRO D 9 11.02 -20.51 10.72
N GLY D 10 10.10 -19.71 11.24
CA GLY D 10 9.80 -18.41 10.68
C GLY D 10 8.86 -18.53 9.49
N LEU D 11 9.27 -19.36 8.53
CA LEU D 11 8.60 -19.46 7.24
C LEU D 11 8.15 -20.90 7.02
N VAL D 12 6.92 -21.08 6.53
CA VAL D 12 6.42 -22.40 6.11
C VAL D 12 5.68 -22.27 4.76
N LYS D 13 5.92 -23.19 3.83
CA LYS D 13 5.25 -23.13 2.53
C LYS D 13 3.88 -23.77 2.64
N PRO D 14 2.89 -23.27 1.88
CA PRO D 14 1.52 -23.80 1.98
C PRO D 14 1.50 -25.30 1.76
N SER D 15 0.58 -25.99 2.44
CA SER D 15 0.44 -27.45 2.43
C SER D 15 1.52 -28.19 3.22
N GLU D 16 2.57 -27.50 3.65
CA GLU D 16 3.55 -28.16 4.51
C GLU D 16 3.15 -28.20 5.98
N THR D 17 3.98 -28.83 6.80
CA THR D 17 3.76 -28.96 8.24
C THR D 17 4.59 -27.97 9.03
N LEU D 18 3.93 -27.19 9.88
CA LEU D 18 4.60 -26.29 10.80
C LEU D 18 5.04 -27.03 12.05
N SER D 19 6.27 -26.81 12.49
CA SER D 19 6.78 -27.48 13.68
C SER D 19 7.37 -26.46 14.64
N LEU D 20 6.89 -26.46 15.89
CA LEU D 20 7.35 -25.51 16.91
C LEU D 20 7.75 -26.24 18.19
N THR D 21 8.69 -25.63 18.91
CA THR D 21 9.10 -26.18 20.20
C THR D 21 9.10 -25.09 21.25
N CYS D 22 8.70 -25.44 22.46
CA CYS D 22 8.81 -24.48 23.55
C CYS D 22 9.79 -25.09 24.55
N THR D 23 10.80 -24.32 24.93
CA THR D 23 11.78 -24.75 25.92
C THR D 23 11.54 -24.05 27.26
N VAL D 24 11.42 -24.83 28.32
CA VAL D 24 11.08 -24.31 29.65
C VAL D 24 12.34 -24.24 30.51
N SER D 25 12.59 -23.10 31.13
CA SER D 25 13.73 -22.99 32.05
C SER D 25 13.27 -22.33 33.35
N GLY D 26 14.02 -22.54 34.43
CA GLY D 26 13.70 -21.96 35.72
C GLY D 26 12.55 -22.67 36.39
N GLY D 27 12.23 -23.86 35.89
CA GLY D 27 11.12 -24.64 36.42
C GLY D 27 11.00 -25.92 35.61
N SER D 28 10.13 -26.83 36.05
CA SER D 28 9.99 -28.12 35.39
C SER D 28 8.68 -28.23 34.61
N ILE D 29 8.67 -29.10 33.60
CA ILE D 29 7.44 -29.52 32.94
C ILE D 29 6.54 -30.26 33.93
N SER D 30 7.16 -31.04 34.80
CA SER D 30 6.43 -31.92 35.73
C SER D 30 5.30 -31.25 36.52
N SER D 31 4.15 -31.93 36.54
CA SER D 31 2.96 -31.56 37.30
C SER D 31 2.06 -30.50 36.65
N TYR D 32 2.52 -29.84 35.59
CA TYR D 32 1.76 -28.77 34.95
C TYR D 32 1.18 -29.16 33.58
N TYR D 33 0.30 -28.30 33.07
CA TYR D 33 -0.22 -28.44 31.72
C TYR D 33 0.49 -27.39 30.88
N TRP D 34 0.55 -27.61 29.58
CA TRP D 34 1.33 -26.75 28.70
C TRP D 34 0.55 -26.51 27.41
N SER D 35 0.31 -25.25 27.07
CA SER D 35 -0.60 -24.89 25.98
C SER D 35 0.11 -24.17 24.85
N TRP D 36 -0.43 -24.33 23.66
CA TRP D 36 -0.12 -23.47 22.53
C TRP D 36 -1.34 -22.63 22.22
N ILE D 37 -1.09 -21.38 21.80
CA ILE D 37 -2.11 -20.39 21.54
C ILE D 37 -1.59 -19.62 20.35
N ARG D 38 -2.46 -19.08 19.50
CA ARG D 38 -1.97 -18.27 18.38
C ARG D 38 -2.80 -17.00 18.17
N GLN D 39 -2.21 -16.02 17.49
CA GLN D 39 -2.90 -14.78 17.21
C GLN D 39 -2.66 -14.42 15.76
N PRO D 40 -3.63 -14.72 14.90
CA PRO D 40 -3.52 -14.31 13.49
C PRO D 40 -3.56 -12.78 13.38
N PRO D 41 -2.92 -12.21 12.36
CA PRO D 41 -2.84 -10.76 12.19
C PRO D 41 -4.23 -10.16 12.04
N GLY D 42 -4.56 -9.15 12.84
CA GLY D 42 -5.90 -8.58 12.84
C GLY D 42 -6.94 -9.44 13.56
N LYS D 43 -6.48 -10.28 14.49
CA LYS D 43 -7.38 -11.18 15.20
C LYS D 43 -7.04 -11.31 16.69
N GLY D 44 -7.98 -11.88 17.45
CA GLY D 44 -7.78 -12.08 18.88
C GLY D 44 -7.03 -13.38 19.15
N LEU D 45 -7.08 -13.83 20.39
CA LEU D 45 -6.37 -15.02 20.82
C LEU D 45 -7.14 -16.29 20.49
N GLU D 46 -6.42 -17.30 19.99
CA GLU D 46 -7.04 -18.58 19.68
C GLU D 46 -6.26 -19.68 20.38
N TRP D 47 -6.91 -20.40 21.29
CA TRP D 47 -6.25 -21.45 22.02
C TRP D 47 -6.19 -22.67 21.11
N ILE D 48 -5.05 -23.33 21.05
CA ILE D 48 -4.87 -24.48 20.15
C ILE D 48 -5.08 -25.82 20.85
N GLY D 49 -4.43 -25.99 21.99
CA GLY D 49 -4.56 -27.21 22.76
C GLY D 49 -3.58 -27.22 23.93
N TYR D 50 -3.69 -28.22 24.79
CA TYR D 50 -2.67 -28.39 25.83
C TYR D 50 -2.17 -29.83 25.91
N ILE D 51 -1.04 -30.01 26.59
CA ILE D 51 -0.61 -31.33 26.98
C ILE D 51 -0.28 -31.31 28.47
N TYR D 52 -0.71 -32.36 29.17
CA TYR D 52 -0.35 -32.58 30.58
C TYR D 52 1.04 -33.21 30.61
N TYR D 53 1.79 -33.04 31.69
CA TYR D 53 3.15 -33.60 31.73
C TYR D 53 3.13 -35.13 31.52
N SER D 54 1.99 -35.74 31.83
CA SER D 54 1.79 -37.19 31.70
C SER D 54 1.62 -37.62 30.25
N GLY D 55 1.24 -36.68 29.38
CA GLY D 55 0.99 -36.99 27.98
C GLY D 55 -0.45 -36.76 27.52
N SER D 56 -1.39 -36.67 28.47
CA SER D 56 -2.81 -36.45 28.10
C SER D 56 -3.00 -35.12 27.39
N THR D 57 -3.82 -35.11 26.35
CA THR D 57 -3.97 -33.90 25.52
C THR D 57 -5.43 -33.48 25.41
N ASN D 58 -5.64 -32.21 25.08
CA ASN D 58 -6.94 -31.74 24.61
C ASN D 58 -6.73 -30.65 23.60
N TYR D 59 -7.65 -30.53 22.64
CA TYR D 59 -7.47 -29.58 21.54
C TYR D 59 -8.73 -28.80 21.21
N ASN D 60 -8.53 -27.59 20.69
CA ASN D 60 -9.58 -26.79 20.07
C ASN D 60 -10.13 -27.59 18.89
N PRO D 61 -11.44 -27.80 18.84
CA PRO D 61 -12.00 -28.67 17.78
C PRO D 61 -11.76 -28.12 16.38
N SER D 62 -11.58 -26.80 16.26
CA SER D 62 -11.39 -26.18 14.93
C SER D 62 -10.10 -26.64 14.29
N LEU D 63 -9.10 -26.96 15.11
CA LEU D 63 -7.78 -27.32 14.63
C LEU D 63 -7.42 -28.80 14.86
N LYS D 64 -8.30 -29.52 15.55
CA LYS D 64 -8.05 -30.89 15.97
C LYS D 64 -7.49 -31.79 14.87
N SER D 65 -8.09 -31.78 13.69
CA SER D 65 -7.73 -32.74 12.65
C SER D 65 -6.29 -32.54 12.16
N ARG D 66 -5.75 -31.34 12.38
CA ARG D 66 -4.42 -31.02 11.87
C ARG D 66 -3.36 -30.82 12.93
N VAL D 67 -3.71 -30.90 14.20
CA VAL D 67 -2.77 -30.49 15.24
C VAL D 67 -2.25 -31.66 16.09
N THR D 68 -0.97 -31.63 16.45
CA THR D 68 -0.43 -32.61 17.38
C THR D 68 0.52 -31.96 18.37
N ILE D 69 0.23 -32.10 19.66
CA ILE D 69 1.10 -31.54 20.68
C ILE D 69 1.78 -32.68 21.41
N SER D 70 3.07 -32.55 21.68
CA SER D 70 3.77 -33.62 22.38
C SER D 70 4.67 -33.05 23.44
N VAL D 71 5.12 -33.89 24.38
CA VAL D 71 5.97 -33.39 25.46
C VAL D 71 7.22 -34.28 25.60
N ASP D 72 8.34 -33.68 25.99
CA ASP D 72 9.59 -34.42 26.19
C ASP D 72 10.16 -33.99 27.53
N THR D 73 9.79 -34.70 28.59
CA THR D 73 10.19 -34.30 29.94
C THR D 73 11.71 -34.32 30.12
N SER D 74 12.39 -35.21 29.40
CA SER D 74 13.84 -35.33 29.50
C SER D 74 14.56 -34.08 29.00
N LYS D 75 13.91 -33.34 28.10
CA LYS D 75 14.49 -32.11 27.57
C LYS D 75 13.83 -30.86 28.15
N ASN D 76 12.84 -31.05 29.00
CA ASN D 76 12.03 -29.93 29.50
C ASN D 76 11.40 -29.12 28.37
N GLN D 77 10.96 -29.82 27.34
CA GLN D 77 10.35 -29.18 26.18
C GLN D 77 8.98 -29.76 25.87
N PHE D 78 8.15 -28.98 25.18
CA PHE D 78 6.97 -29.54 24.53
C PHE D 78 6.86 -28.92 23.14
N SER D 79 6.09 -29.56 22.28
CA SER D 79 6.13 -29.24 20.87
C SER D 79 4.74 -29.18 20.23
N LEU D 80 4.70 -28.58 19.04
CA LEU D 80 3.47 -28.42 18.27
C LEU D 80 3.80 -28.83 16.83
N LYS D 81 2.94 -29.66 16.23
CA LYS D 81 2.97 -29.83 14.78
C LYS D 81 1.61 -29.50 14.19
N LEU D 82 1.60 -28.75 13.10
CA LEU D 82 0.34 -28.37 12.45
C LEU D 82 0.49 -28.70 10.99
N SER D 83 -0.32 -29.63 10.50
CA SER D 83 -0.17 -30.10 9.13
C SER D 83 -0.93 -29.25 8.12
N SER D 84 -0.58 -29.44 6.84
CA SER D 84 -1.28 -28.89 5.70
C SER D 84 -1.64 -27.41 5.89
N VAL D 85 -0.65 -26.59 6.21
CA VAL D 85 -0.91 -25.18 6.54
C VAL D 85 -1.38 -24.36 5.32
N THR D 86 -2.11 -23.29 5.59
CA THR D 86 -2.50 -22.30 4.58
C THR D 86 -2.24 -20.90 5.16
N ALA D 87 -2.43 -19.87 4.33
CA ALA D 87 -2.22 -18.49 4.81
C ALA D 87 -3.06 -18.16 6.05
N ALA D 88 -4.15 -18.90 6.26
CA ALA D 88 -4.96 -18.70 7.46
C ALA D 88 -4.20 -19.09 8.72
N ASP D 89 -3.07 -19.79 8.55
CA ASP D 89 -2.27 -20.19 9.71
C ASP D 89 -1.15 -19.23 10.05
N THR D 90 -0.97 -18.19 9.23
CA THR D 90 0.00 -17.15 9.54
C THR D 90 -0.41 -16.48 10.85
N ALA D 91 0.49 -16.46 11.82
CA ALA D 91 0.18 -15.94 13.16
C ALA D 91 1.43 -15.85 14.03
N VAL D 92 1.31 -15.16 15.15
CA VAL D 92 2.28 -15.30 16.22
C VAL D 92 1.79 -16.48 17.06
N TYR D 93 2.68 -17.42 17.33
CA TYR D 93 2.32 -18.58 18.16
C TYR D 93 2.98 -18.45 19.52
N TYR D 94 2.22 -18.73 20.58
CA TYR D 94 2.71 -18.60 21.95
C TYR D 94 2.61 -19.94 22.67
N CYS D 95 3.58 -20.24 23.53
CA CYS D 95 3.44 -21.33 24.48
C CYS D 95 3.09 -20.72 25.84
N ALA D 96 2.39 -21.46 26.70
CA ALA D 96 2.06 -20.90 28.02
C ALA D 96 1.89 -21.99 29.05
N ARG D 97 2.48 -21.80 30.22
CA ARG D 97 2.20 -22.73 31.31
C ARG D 97 0.74 -22.62 31.74
N THR D 98 0.12 -23.78 32.02
CA THR D 98 -1.33 -23.84 32.16
C THR D 98 -1.68 -24.57 33.45
N LEU D 99 -2.50 -23.92 34.27
CA LEU D 99 -2.81 -24.46 35.59
C LEU D 99 -4.22 -25.03 35.63
N HIS D 100 -4.37 -26.13 36.36
CA HIS D 100 -5.65 -26.79 36.54
C HIS D 100 -6.17 -26.35 37.88
N GLY D 101 -7.43 -25.90 37.91
CA GLY D 101 -8.02 -25.45 39.16
C GLY D 101 -9.32 -26.19 39.41
N ARG D 102 -9.77 -26.19 40.65
CA ARG D 102 -11.03 -26.86 40.97
C ARG D 102 -11.78 -25.96 41.95
N ARG D 103 -13.06 -25.71 41.68
CA ARG D 103 -13.90 -25.01 42.65
C ARG D 103 -14.87 -25.98 43.29
N ILE D 104 -14.72 -26.25 44.59
CA ILE D 104 -15.64 -27.11 45.31
C ILE D 104 -16.68 -26.20 45.97
N TYR D 105 -17.85 -26.10 45.33
CA TYR D 105 -18.85 -25.11 45.76
C TYR D 105 -19.83 -25.72 46.75
N GLY D 106 -19.81 -27.04 46.83
CA GLY D 106 -20.70 -27.77 47.72
C GLY D 106 -20.05 -29.02 48.30
N ILE D 107 -20.77 -30.14 48.21
CA ILE D 107 -20.34 -31.38 48.88
C ILE D 107 -19.44 -32.25 48.00
N VAL D 108 -18.31 -32.67 48.57
CA VAL D 108 -17.26 -33.34 47.82
C VAL D 108 -17.51 -34.85 47.70
N GLU D 112 -20.03 -32.07 43.54
CA GLU D 112 -20.48 -30.67 43.54
C GLU D 112 -19.33 -29.70 43.43
N TRP D 113 -18.51 -29.89 42.41
CA TRP D 113 -17.43 -28.98 42.13
C TRP D 113 -17.34 -28.87 40.63
N PHE D 114 -16.53 -27.94 40.14
CA PHE D 114 -16.21 -27.94 38.72
C PHE D 114 -14.73 -27.68 38.51
N THR D 115 -14.29 -27.89 37.29
CA THR D 115 -12.88 -27.84 36.93
C THR D 115 -12.67 -26.62 36.04
N TYR D 116 -11.51 -25.99 36.14
CA TYR D 116 -11.15 -24.90 35.23
C TYR D 116 -9.65 -24.85 34.92
N TYR D 117 -9.28 -24.15 33.85
CA TYR D 117 -7.88 -23.98 33.52
C TYR D 117 -7.61 -22.53 33.15
N TYR D 118 -6.39 -22.09 33.41
CA TYR D 118 -5.95 -20.77 32.98
C TYR D 118 -4.46 -20.82 32.75
N MET D 119 -3.91 -19.76 32.15
CA MET D 119 -2.52 -19.77 31.72
C MET D 119 -1.75 -18.68 32.46
N ASP D 120 -0.72 -19.06 33.20
CA ASP D 120 -0.12 -18.10 34.14
C ASP D 120 1.22 -17.51 33.70
N VAL D 121 2.00 -18.29 32.96
CA VAL D 121 3.28 -17.80 32.43
C VAL D 121 3.35 -18.00 30.94
N TRP D 122 3.52 -16.91 30.18
CA TRP D 122 3.56 -17.01 28.72
C TRP D 122 4.97 -16.87 28.16
N GLY D 123 5.15 -17.45 26.98
CA GLY D 123 6.40 -17.27 26.24
C GLY D 123 6.36 -15.93 25.55
N LYS D 124 7.34 -15.68 24.70
CA LYS D 124 7.52 -14.36 24.07
C LYS D 124 6.86 -14.31 22.70
N GLY D 125 6.46 -15.47 22.23
CA GLY D 125 5.81 -15.59 20.93
C GLY D 125 6.80 -15.77 19.80
N THR D 126 6.45 -16.62 18.84
CA THR D 126 7.25 -16.74 17.63
C THR D 126 6.41 -16.49 16.38
N THR D 127 6.94 -15.67 15.47
CA THR D 127 6.18 -15.29 14.28
C THR D 127 6.31 -16.34 13.20
N VAL D 128 5.18 -16.80 12.69
CA VAL D 128 5.18 -17.80 11.62
C VAL D 128 4.46 -17.24 10.42
N THR D 129 5.15 -17.23 9.28
CA THR D 129 4.55 -16.73 8.05
C THR D 129 4.38 -17.90 7.10
N VAL D 130 3.16 -18.08 6.62
CA VAL D 130 2.88 -19.09 5.60
C VAL D 130 2.89 -18.41 4.24
N SER D 131 3.85 -18.77 3.39
CA SER D 131 3.99 -18.10 2.10
C SER D 131 4.76 -18.96 1.11
N SER D 132 4.50 -18.79 -0.18
CA SER D 132 5.27 -19.51 -1.19
C SER D 132 6.59 -18.80 -1.52
N ALA D 133 6.75 -17.57 -1.04
CA ALA D 133 8.01 -16.85 -1.20
C ALA D 133 9.10 -17.49 -0.35
N SER D 134 10.37 -17.33 -0.73
CA SER D 134 11.44 -17.99 0.01
C SER D 134 12.18 -17.02 0.95
N THR D 135 12.88 -17.59 1.92
CA THR D 135 13.69 -16.83 2.88
C THR D 135 14.72 -15.94 2.19
N LYS D 136 14.90 -14.72 2.70
CA LYS D 136 15.99 -13.85 2.23
C LYS D 136 16.61 -13.13 3.42
N GLY D 137 17.91 -13.31 3.65
CA GLY D 137 18.58 -12.59 4.73
C GLY D 137 18.82 -11.13 4.37
N PRO D 138 19.02 -10.27 5.37
CA PRO D 138 19.10 -8.82 5.13
C PRO D 138 20.42 -8.31 4.52
N SER D 139 20.33 -7.17 3.84
CA SER D 139 21.48 -6.36 3.47
C SER D 139 21.53 -5.20 4.46
N VAL D 140 22.63 -5.08 5.20
CA VAL D 140 22.73 -4.02 6.20
C VAL D 140 23.64 -2.86 5.79
N PHE D 141 23.11 -1.63 5.89
CA PHE D 141 23.86 -0.42 5.55
C PHE D 141 23.95 0.53 6.74
N PRO D 142 25.07 1.26 6.85
CA PRO D 142 25.17 2.20 7.98
C PRO D 142 24.41 3.48 7.68
N LEU D 143 23.84 4.07 8.71
CA LEU D 143 23.21 5.39 8.57
C LEU D 143 24.09 6.36 9.32
N ALA D 144 24.80 7.19 8.58
CA ALA D 144 25.75 8.14 9.17
C ALA D 144 25.06 9.49 9.36
N PRO D 145 25.28 10.11 10.51
CA PRO D 145 24.64 11.36 10.90
C PRO D 145 24.82 12.54 9.97
N SER D 146 23.74 13.21 9.59
CA SER D 146 23.80 14.45 8.81
C SER D 146 24.63 15.48 9.59
N SER D 147 25.74 15.91 9.03
CA SER D 147 26.63 16.80 9.74
C SER D 147 25.92 17.99 10.34
N LYS D 148 25.00 18.56 9.57
CA LYS D 148 24.26 19.71 10.03
C LYS D 148 23.38 19.40 11.21
N SER D 149 23.24 18.12 11.54
CA SER D 149 22.34 17.67 12.59
C SER D 149 22.99 17.35 13.92
N THR D 150 24.28 17.59 14.08
CA THR D 150 24.93 17.24 15.32
C THR D 150 25.22 18.41 16.23
N SER D 151 24.70 19.57 15.89
CA SER D 151 25.07 20.80 16.56
C SER D 151 24.46 21.01 17.99
N GLY D 152 23.40 20.29 18.32
CA GLY D 152 22.76 20.47 19.63
C GLY D 152 23.45 19.66 20.71
N GLY D 153 24.56 19.01 20.35
CA GLY D 153 25.30 18.19 21.28
C GLY D 153 24.99 16.70 21.14
N THR D 154 23.90 16.36 20.45
CA THR D 154 23.59 14.95 20.22
C THR D 154 23.43 14.68 18.72
N ALA D 155 23.63 13.44 18.34
CA ALA D 155 23.51 13.04 16.95
C ALA D 155 22.86 11.68 16.90
N ALA D 156 22.25 11.36 15.75
CA ALA D 156 21.63 10.06 15.58
C ALA D 156 22.45 9.29 14.56
N LEU D 157 22.81 8.04 14.88
CA LEU D 157 23.41 7.19 13.88
C LEU D 157 22.62 5.89 13.85
N GLY D 158 22.73 5.13 12.78
CA GLY D 158 21.91 3.95 12.67
C GLY D 158 22.38 2.86 11.74
N CYS D 159 21.57 1.81 11.61
CA CYS D 159 21.78 0.77 10.60
C CYS D 159 20.46 0.59 9.88
N LEU D 160 20.52 0.53 8.56
CA LEU D 160 19.37 0.23 7.72
C LEU D 160 19.45 -1.25 7.40
N VAL D 161 18.41 -1.99 7.78
CA VAL D 161 18.36 -3.45 7.57
C VAL D 161 17.38 -3.66 6.42
N LYS D 162 17.90 -3.90 5.22
CA LYS D 162 17.11 -3.79 3.99
C LYS D 162 16.71 -5.15 3.41
N ASP D 163 15.47 -5.25 2.92
CA ASP D 163 15.08 -6.36 2.03
C ASP D 163 15.25 -7.76 2.59
N TYR D 164 14.57 -8.06 3.69
CA TYR D 164 14.65 -9.41 4.26
C TYR D 164 13.28 -10.06 4.28
N PHE D 165 13.25 -11.37 4.43
CA PHE D 165 11.97 -12.08 4.52
C PHE D 165 12.18 -13.46 5.17
N PRO D 166 11.26 -13.88 6.08
CA PRO D 166 10.13 -13.14 6.65
C PRO D 166 10.59 -12.41 7.90
N GLU D 167 9.63 -11.84 8.62
CA GLU D 167 9.86 -11.25 9.94
C GLU D 167 10.21 -12.34 10.94
N PRO D 168 10.94 -12.00 12.02
CA PRO D 168 11.41 -10.66 12.40
C PRO D 168 12.91 -10.55 12.31
N VAL D 169 13.39 -9.31 12.48
CA VAL D 169 14.80 -9.04 12.61
C VAL D 169 14.94 -8.42 13.99
N THR D 170 15.99 -8.77 14.72
CA THR D 170 16.27 -8.04 15.96
C THR D 170 17.61 -7.36 15.83
N VAL D 171 17.74 -6.21 16.49
CA VAL D 171 18.97 -5.42 16.44
C VAL D 171 19.44 -5.12 17.86
N SER D 172 20.73 -5.29 18.11
CA SER D 172 21.32 -4.72 19.32
C SER D 172 22.49 -3.80 18.92
N TRP D 173 23.06 -3.11 19.88
CA TRP D 173 24.25 -2.28 19.64
C TRP D 173 25.38 -2.68 20.57
N ASN D 174 26.58 -2.76 20.00
CA ASN D 174 27.76 -3.16 20.75
C ASN D 174 27.55 -4.41 21.59
N SER D 175 26.92 -5.41 20.97
CA SER D 175 26.62 -6.69 21.61
C SER D 175 25.77 -6.52 22.87
N GLY D 176 24.96 -5.47 22.89
CA GLY D 176 24.05 -5.23 24.00
C GLY D 176 24.62 -4.32 25.08
N ALA D 177 25.86 -3.90 24.91
CA ALA D 177 26.48 -2.99 25.88
C ALA D 177 25.87 -1.60 25.78
N LEU D 178 25.48 -1.21 24.57
CA LEU D 178 24.85 0.07 24.35
C LEU D 178 23.33 -0.11 24.32
N THR D 179 22.63 0.46 25.29
CA THR D 179 21.18 0.35 25.36
C THR D 179 20.55 1.74 25.37
N SER D 180 21.27 2.70 25.96
CA SER D 180 20.77 4.07 26.09
C SER D 180 20.71 4.80 24.76
N GLY D 181 19.54 5.36 24.46
CA GLY D 181 19.36 6.13 23.25
C GLY D 181 19.01 5.27 22.05
N VAL D 182 18.92 3.95 22.27
CA VAL D 182 18.65 3.01 21.17
C VAL D 182 17.17 2.94 20.82
N HIS D 183 16.84 3.10 19.56
CA HIS D 183 15.45 3.02 19.12
C HIS D 183 15.38 2.18 17.85
N THR D 184 14.76 1.01 17.92
CA THR D 184 14.60 0.19 16.74
C THR D 184 13.15 0.28 16.23
N PHE D 185 12.99 0.64 14.96
CA PHE D 185 11.67 0.98 14.41
C PHE D 185 11.01 -0.26 13.84
N PRO D 186 9.68 -0.34 13.97
CA PRO D 186 8.99 -1.45 13.32
C PRO D 186 9.24 -1.44 11.82
N ALA D 187 9.21 -2.61 11.19
CA ALA D 187 9.55 -2.74 9.78
C ALA D 187 8.45 -2.22 8.86
N VAL D 188 8.87 -1.82 7.66
CA VAL D 188 7.93 -1.47 6.62
C VAL D 188 7.87 -2.68 5.70
N LEU D 189 6.70 -2.99 5.16
CA LEU D 189 6.60 -4.07 4.16
C LEU D 189 6.56 -3.42 2.79
N GLN D 190 7.51 -3.77 1.91
CA GLN D 190 7.59 -3.12 0.60
C GLN D 190 6.79 -3.90 -0.45
N SER D 191 6.47 -3.25 -1.57
CA SER D 191 5.64 -3.89 -2.61
C SER D 191 6.29 -5.14 -3.19
N SER D 192 7.61 -5.27 -3.00
CA SER D 192 8.35 -6.43 -3.49
C SER D 192 8.05 -7.65 -2.62
N GLY D 193 7.39 -7.41 -1.49
CA GLY D 193 7.14 -8.46 -0.52
C GLY D 193 8.25 -8.61 0.51
N LEU D 194 9.26 -7.74 0.43
CA LEU D 194 10.36 -7.79 1.40
C LEU D 194 10.25 -6.65 2.42
N TYR D 195 10.74 -6.92 3.62
CA TYR D 195 10.69 -5.95 4.71
C TYR D 195 12.00 -5.18 4.81
N SER D 196 11.93 -3.98 5.38
CA SER D 196 13.14 -3.24 5.76
C SER D 196 12.84 -2.59 7.11
N LEU D 197 13.85 -2.46 7.97
CA LEU D 197 13.69 -1.64 9.18
C LEU D 197 14.95 -0.85 9.47
N SER D 198 14.85 0.06 10.44
CA SER D 198 16.00 0.87 10.84
C SER D 198 16.15 0.83 12.33
N SER D 199 17.39 0.89 12.78
CA SER D 199 17.64 1.02 14.21
C SER D 199 18.59 2.19 14.35
N VAL D 200 18.34 3.04 15.34
CA VAL D 200 19.20 4.20 15.54
C VAL D 200 19.56 4.32 16.99
N VAL D 201 20.65 5.02 17.25
CA VAL D 201 21.03 5.33 18.61
C VAL D 201 21.39 6.79 18.63
N THR D 202 20.95 7.49 19.66
CA THR D 202 21.28 8.88 19.79
C THR D 202 22.49 8.94 20.71
N VAL D 203 23.53 9.64 20.27
CA VAL D 203 24.79 9.64 21.00
C VAL D 203 25.27 11.08 21.14
N PRO D 204 26.22 11.33 22.07
CA PRO D 204 26.75 12.70 22.14
C PRO D 204 27.55 12.98 20.88
N SER D 205 27.44 14.19 20.33
CA SER D 205 28.18 14.52 19.11
C SER D 205 29.68 14.30 19.28
N SER D 206 30.17 14.49 20.51
CA SER D 206 31.61 14.31 20.78
C SER D 206 32.02 12.84 20.74
N SER D 207 31.04 11.93 20.71
CA SER D 207 31.34 10.50 20.63
C SER D 207 31.51 10.02 19.19
N LEU D 208 31.16 10.86 18.23
CA LEU D 208 31.34 10.50 16.82
C LEU D 208 32.82 10.44 16.47
N GLY D 209 33.27 9.28 15.98
CA GLY D 209 34.65 9.12 15.59
C GLY D 209 35.57 8.72 16.73
N THR D 210 35.07 8.79 17.97
CA THR D 210 35.89 8.44 19.13
C THR D 210 35.39 7.16 19.82
N GLN D 211 34.07 6.93 19.77
CA GLN D 211 33.50 5.67 20.26
C GLN D 211 33.34 4.72 19.09
N THR D 212 33.28 3.43 19.38
CA THR D 212 33.00 2.43 18.35
C THR D 212 31.54 1.98 18.43
N TYR D 213 30.86 2.01 17.28
CA TYR D 213 29.45 1.68 17.20
C TYR D 213 29.27 0.56 16.20
N ILE D 214 28.72 -0.54 16.67
CA ILE D 214 28.47 -1.69 15.82
C ILE D 214 27.04 -2.14 16.03
N CYS D 215 26.25 -2.25 14.96
CA CYS D 215 24.91 -2.82 15.15
C CYS D 215 24.94 -4.31 14.85
N ASN D 216 24.34 -5.09 15.74
CA ASN D 216 24.28 -6.53 15.59
C ASN D 216 22.87 -6.87 15.14
N VAL D 217 22.78 -7.32 13.90
CA VAL D 217 21.49 -7.63 13.29
C VAL D 217 21.30 -9.14 13.31
N ASN D 218 20.14 -9.61 13.76
CA ASN D 218 19.90 -11.06 13.79
C ASN D 218 18.67 -11.39 12.99
N HIS D 219 18.82 -12.25 11.99
CA HIS D 219 17.67 -12.73 11.21
C HIS D 219 17.62 -14.25 11.32
N LYS D 220 16.97 -14.74 12.36
CA LYS D 220 16.93 -16.19 12.61
C LYS D 220 16.36 -17.03 11.46
N PRO D 221 15.31 -16.56 10.77
CA PRO D 221 14.80 -17.39 9.67
C PRO D 221 15.85 -17.79 8.62
N SER D 222 16.86 -16.95 8.38
CA SER D 222 17.92 -17.30 7.44
C SER D 222 19.23 -17.65 8.13
N ASN D 223 19.21 -17.82 9.45
CA ASN D 223 20.42 -18.07 10.25
C ASN D 223 21.55 -17.12 9.91
N THR D 224 21.21 -15.84 9.78
CA THR D 224 22.19 -14.81 9.39
C THR D 224 22.40 -13.85 10.55
N LYS D 225 23.66 -13.57 10.89
CA LYS D 225 23.96 -12.44 11.76
C LYS D 225 24.93 -11.51 11.06
N VAL D 226 24.70 -10.21 11.20
CA VAL D 226 25.62 -9.21 10.66
C VAL D 226 26.03 -8.28 11.79
N ASP D 227 27.33 -8.02 11.94
CA ASP D 227 27.78 -6.96 12.84
C ASP D 227 28.35 -5.83 12.00
N LYS D 228 27.58 -4.75 11.83
CA LYS D 228 27.96 -3.68 10.92
C LYS D 228 28.59 -2.54 11.69
N ARG D 229 29.82 -2.20 11.31
CA ARG D 229 30.49 -1.03 11.85
C ARG D 229 29.88 0.24 11.24
N VAL D 230 29.46 1.16 12.10
CA VAL D 230 28.94 2.45 11.65
C VAL D 230 29.91 3.57 12.01
N GLU D 231 30.40 4.26 10.98
CA GLU D 231 31.33 5.39 11.16
C GLU D 231 30.75 6.68 10.59
N PRO D 232 31.15 7.83 11.17
CA PRO D 232 30.73 9.13 10.62
C PRO D 232 31.25 9.35 9.19
C1 GOL E . -19.34 8.08 15.14
O1 GOL E . -18.95 9.01 16.13
C2 GOL E . -20.66 8.55 14.53
O2 GOL E . -20.40 9.64 13.66
C3 GOL E . -21.27 7.40 13.74
O3 GOL E . -22.67 7.33 14.01
C1 GOL F . -16.75 -15.15 -8.57
O1 GOL F . -17.71 -15.07 -9.61
C2 GOL F . -16.46 -13.75 -8.03
O2 GOL F . -16.24 -13.81 -6.63
C3 GOL F . -15.24 -13.18 -8.73
O3 GOL F . -14.08 -13.42 -7.97
C1 GOL G . -0.26 -16.66 38.92
O1 GOL G . 0.69 -15.78 39.46
C2 GOL G . -0.16 -18.03 39.58
O2 GOL G . 0.93 -18.73 39.02
C3 GOL G . -1.43 -18.80 39.25
O3 GOL G . -2.13 -19.10 40.44
#